data_8QND
#
_entry.id   8QND
#
_cell.length_a   84.112
_cell.length_b   81.530
_cell.length_c   86.847
_cell.angle_alpha   90.00
_cell.angle_beta   95.76
_cell.angle_gamma   90.00
#
_symmetry.space_group_name_H-M   'P 1 21 1'
#
loop_
_entity.id
_entity.type
_entity.pdbx_description
1 polymer 'Inosine-uridine nucleoside N-ribohydrolase'
2 non-polymer 'CALCIUM ION'
3 water water
#
_entity_poly.entity_id   1
_entity_poly.type   'polypeptide(L)'
_entity_poly.pdbx_seq_one_letter_code
;MHHHHHHTTKIIMDTDPGIDDAAALTMAINDPSLDLKLVTTVAGNVTADKTTANALKIIHFFGKDIPVAAGAKQPLIKPF
EDAARIHGESGMPGYDFGDDYGKPLDKTAVEALHDAIMAEDEVILVPTGSYTNIALLFSEYPEVKSHIKQIVAMGGSFSG
GNMTSAAEFNVFTDPDAAKIMYNAGVPIVTVGLDVTLKALLTADTIEKLGSLNKTGEMLHGLITHYNDGNDQGRPMHDVN
TIFYLLHPEAFTTKDMWVDIQTDGPAIGATVGDIRAAYHDGKTNAKVCLDIDAEYFNKWFLEEVSKMK
;
_entity_poly.pdbx_strand_id   A,B,C,D
#
# COMPACT_ATOMS: atom_id res chain seq x y z
N HIS A 6 -23.39 -31.66 32.00
CA HIS A 6 -24.81 -31.97 31.49
C HIS A 6 -25.16 -31.32 30.13
N HIS A 7 -24.52 -30.23 29.67
CA HIS A 7 -24.64 -29.66 28.29
C HIS A 7 -23.22 -29.40 27.76
N THR A 8 -22.99 -29.54 26.44
CA THR A 8 -21.65 -29.39 25.79
C THR A 8 -21.65 -28.21 24.83
N THR A 9 -20.51 -27.54 24.64
CA THR A 9 -20.29 -26.51 23.61
C THR A 9 -19.76 -27.18 22.35
N LYS A 10 -20.40 -26.97 21.22
CA LYS A 10 -19.97 -27.52 19.93
C LYS A 10 -18.82 -26.65 19.41
N ILE A 11 -17.67 -27.26 19.13
CA ILE A 11 -16.50 -26.53 18.56
C ILE A 11 -15.96 -27.26 17.34
N ILE A 12 -15.33 -26.47 16.46
CA ILE A 12 -14.59 -26.94 15.28
C ILE A 12 -13.22 -26.27 15.31
N MET A 13 -12.15 -27.03 15.11
CA MET A 13 -10.77 -26.53 15.17
C MET A 13 -10.17 -26.59 13.79
N ASP A 14 -9.52 -25.50 13.38
CA ASP A 14 -8.74 -25.41 12.12
C ASP A 14 -7.28 -25.23 12.54
N THR A 15 -6.40 -26.14 12.15
CA THR A 15 -5.08 -26.37 12.84
C THR A 15 -3.97 -26.59 11.80
N ASP A 16 -2.74 -26.42 12.25
CA ASP A 16 -1.53 -26.78 11.47
C ASP A 16 -0.58 -27.49 12.43
N PRO A 17 -0.97 -28.63 13.03
CA PRO A 17 -0.14 -29.27 14.06
C PRO A 17 1.20 -29.73 13.47
N GLY A 18 2.34 -29.36 14.09
CA GLY A 18 2.51 -28.38 15.15
C GLY A 18 2.30 -28.90 16.57
N ILE A 19 3.33 -28.74 17.44
CA ILE A 19 3.28 -29.11 18.88
C ILE A 19 2.22 -28.26 19.60
N ASP A 20 2.13 -26.96 19.29
CA ASP A 20 1.15 -26.10 20.01
C ASP A 20 -0.27 -26.57 19.71
N ASP A 21 -0.55 -26.90 18.45
CA ASP A 21 -1.92 -27.34 18.06
C ASP A 21 -2.20 -28.69 18.73
N ALA A 22 -1.19 -29.58 18.82
CA ALA A 22 -1.32 -30.89 19.52
C ALA A 22 -1.83 -30.68 20.96
N ALA A 23 -1.27 -29.72 21.69
CA ALA A 23 -1.69 -29.42 23.08
C ALA A 23 -3.14 -28.85 23.10
N ALA A 24 -3.48 -27.99 22.17
CA ALA A 24 -4.87 -27.44 21.99
C ALA A 24 -5.87 -28.58 21.72
N LEU A 25 -5.55 -29.44 20.79
CA LEU A 25 -6.40 -30.60 20.39
C LEU A 25 -6.53 -31.54 21.59
N THR A 26 -5.46 -31.76 22.36
CA THR A 26 -5.50 -32.61 23.56
C THR A 26 -6.58 -32.10 24.52
N MET A 27 -6.58 -30.82 24.82
CA MET A 27 -7.52 -30.22 25.80
C MET A 27 -8.95 -30.25 25.24
N ALA A 28 -9.11 -29.94 23.96
CA ALA A 28 -10.43 -29.83 23.28
C ALA A 28 -11.07 -31.23 23.22
N ILE A 29 -10.28 -32.25 22.86
CA ILE A 29 -10.79 -33.65 22.70
C ILE A 29 -11.32 -34.14 24.08
N ASN A 30 -10.61 -33.83 25.15
CA ASN A 30 -10.78 -34.50 26.47
C ASN A 30 -11.65 -33.72 27.44
N ASP A 31 -11.90 -32.42 27.25
CA ASP A 31 -12.75 -31.67 28.20
C ASP A 31 -14.21 -32.11 28.03
N PRO A 32 -14.89 -32.56 29.13
CA PRO A 32 -16.27 -33.03 29.02
C PRO A 32 -17.33 -31.95 28.71
N SER A 33 -17.02 -30.65 28.83
CA SER A 33 -17.93 -29.52 28.43
C SER A 33 -17.81 -29.21 26.95
N LEU A 34 -16.85 -29.77 26.22
CA LEU A 34 -16.60 -29.46 24.78
C LEU A 34 -16.97 -30.66 23.96
N ASP A 35 -17.59 -30.43 22.81
CA ASP A 35 -17.87 -31.46 21.78
C ASP A 35 -17.16 -31.02 20.49
N LEU A 36 -15.98 -31.60 20.23
CA LEU A 36 -15.17 -31.29 19.03
C LEU A 36 -15.75 -32.06 17.85
N LYS A 37 -16.46 -31.36 16.95
CA LYS A 37 -17.18 -31.95 15.81
C LYS A 37 -16.26 -32.36 14.65
N LEU A 38 -15.19 -31.62 14.44
CA LEU A 38 -14.39 -31.68 13.20
C LEU A 38 -13.05 -31.00 13.46
N VAL A 39 -12.01 -31.51 12.84
CA VAL A 39 -10.68 -30.82 12.79
C VAL A 39 -10.35 -30.62 11.33
N THR A 40 -10.03 -29.39 10.96
CA THR A 40 -9.48 -29.11 9.63
C THR A 40 -8.02 -28.72 9.79
N THR A 41 -7.30 -28.85 8.69
CA THR A 41 -5.88 -28.52 8.62
C THR A 41 -5.57 -27.58 7.48
N VAL A 42 -4.48 -26.84 7.68
CA VAL A 42 -3.90 -25.91 6.68
C VAL A 42 -2.40 -26.19 6.70
N ALA A 43 -1.76 -25.90 5.58
CA ALA A 43 -0.28 -25.91 5.44
C ALA A 43 0.31 -24.83 6.36
N GLY A 44 1.46 -25.13 6.97
CA GLY A 44 2.25 -24.08 7.63
C GLY A 44 3.73 -24.42 7.53
N ASN A 45 4.37 -24.64 8.65
CA ASN A 45 5.81 -24.98 8.73
C ASN A 45 6.05 -26.31 8.01
N VAL A 46 5.06 -27.20 7.99
CA VAL A 46 5.02 -28.37 7.04
C VAL A 46 3.78 -28.28 6.15
N THR A 47 3.78 -29.09 5.10
CA THR A 47 2.71 -29.22 4.09
C THR A 47 1.38 -29.62 4.73
N ALA A 48 0.28 -29.36 4.03
CA ALA A 48 -1.09 -29.75 4.48
C ALA A 48 -1.20 -31.27 4.65
N ASP A 49 -0.51 -32.06 3.81
CA ASP A 49 -0.44 -33.56 3.98
C ASP A 49 0.12 -33.90 5.35
N LYS A 50 1.16 -33.19 5.81
CA LYS A 50 1.80 -33.48 7.12
C LYS A 50 0.97 -32.94 8.30
N THR A 51 0.39 -31.74 8.20
CA THR A 51 -0.46 -31.21 9.29
C THR A 51 -1.69 -32.11 9.41
N THR A 52 -2.24 -32.62 8.31
CA THR A 52 -3.37 -33.57 8.31
C THR A 52 -2.99 -34.84 9.11
N ALA A 53 -1.85 -35.44 8.76
CA ALA A 53 -1.27 -36.61 9.46
C ALA A 53 -1.17 -36.37 10.95
N ASN A 54 -0.68 -35.19 11.33
CA ASN A 54 -0.44 -34.82 12.74
C ASN A 54 -1.77 -34.70 13.49
N ALA A 55 -2.79 -34.08 12.91
CA ALA A 55 -4.13 -33.98 13.57
C ALA A 55 -4.68 -35.41 13.78
N LEU A 56 -4.60 -36.27 12.77
CA LEU A 56 -5.07 -37.69 12.83
C LEU A 56 -4.32 -38.45 13.93
N LYS A 57 -3.01 -38.23 14.05
CA LYS A 57 -2.19 -38.87 15.13
C LYS A 57 -2.68 -38.54 16.53
N ILE A 58 -3.04 -37.27 16.79
CA ILE A 58 -3.52 -36.82 18.11
C ILE A 58 -4.91 -37.41 18.36
N ILE A 59 -5.81 -37.33 17.39
CA ILE A 59 -7.19 -37.83 17.56
C ILE A 59 -7.10 -39.35 17.85
N HIS A 60 -6.33 -40.09 17.05
CA HIS A 60 -6.15 -41.55 17.20
C HIS A 60 -5.51 -41.91 18.56
N PHE A 61 -4.58 -41.11 19.07
CA PHE A 61 -3.96 -41.29 20.42
C PHE A 61 -5.04 -41.42 21.51
N PHE A 62 -6.11 -40.62 21.45
CA PHE A 62 -7.23 -40.62 22.42
C PHE A 62 -8.32 -41.66 22.10
N GLY A 63 -8.12 -42.55 21.11
CA GLY A 63 -9.08 -43.60 20.74
C GLY A 63 -10.35 -43.01 20.11
N LYS A 64 -10.29 -41.81 19.49
CA LYS A 64 -11.45 -41.13 18.85
C LYS A 64 -11.25 -41.29 17.34
N ASP A 65 -12.32 -41.05 16.57
CA ASP A 65 -12.30 -40.96 15.09
C ASP A 65 -12.99 -39.67 14.66
N ILE A 66 -12.78 -38.59 15.40
CA ILE A 66 -13.24 -37.21 15.03
C ILE A 66 -12.70 -36.95 13.62
N PRO A 67 -13.56 -36.58 12.64
CA PRO A 67 -13.10 -36.45 11.26
C PRO A 67 -12.07 -35.31 11.08
N VAL A 68 -11.10 -35.55 10.19
CA VAL A 68 -10.09 -34.56 9.78
C VAL A 68 -10.30 -34.31 8.30
N ALA A 69 -10.42 -33.05 7.89
CA ALA A 69 -10.43 -32.65 6.46
C ALA A 69 -9.24 -31.75 6.17
N ALA A 70 -8.39 -32.20 5.24
CA ALA A 70 -7.21 -31.47 4.73
C ALA A 70 -7.66 -30.20 3.98
N GLY A 71 -7.02 -29.06 4.26
CA GLY A 71 -7.38 -27.79 3.60
C GLY A 71 -6.23 -27.20 2.82
N ALA A 72 -6.19 -25.88 2.82
CA ALA A 72 -5.43 -25.10 1.84
C ALA A 72 -3.93 -25.46 1.89
N LYS A 73 -3.31 -25.60 0.74
CA LYS A 73 -1.86 -26.03 0.61
C LYS A 73 -0.94 -24.82 0.66
N GLN A 74 -1.48 -23.60 0.52
CA GLN A 74 -0.71 -22.37 0.35
C GLN A 74 -1.55 -21.21 0.86
N PRO A 75 -0.91 -20.09 1.19
CA PRO A 75 -1.65 -18.85 1.49
C PRO A 75 -2.37 -18.34 0.26
N LEU A 76 -3.38 -17.52 0.48
CA LEU A 76 -4.14 -16.90 -0.64
C LEU A 76 -3.19 -16.17 -1.60
N ILE A 77 -2.35 -15.28 -1.09
CA ILE A 77 -1.60 -14.28 -1.92
C ILE A 77 -0.11 -14.26 -1.56
N LYS A 78 0.24 -14.19 -0.29
CA LYS A 78 1.62 -13.98 0.17
C LYS A 78 2.39 -15.28 -0.05
N PRO A 79 3.43 -15.34 -0.90
CA PRO A 79 4.20 -16.59 -1.08
C PRO A 79 4.73 -17.10 0.26
N PHE A 80 4.58 -18.37 0.54
CA PHE A 80 5.00 -18.97 1.82
C PHE A 80 6.54 -18.85 1.91
N GLU A 81 7.04 -18.30 3.01
CA GLU A 81 8.49 -18.11 3.28
C GLU A 81 9.15 -19.49 3.46
N ASP A 82 9.98 -19.87 2.47
CA ASP A 82 10.50 -21.26 2.28
C ASP A 82 11.56 -21.53 3.36
N ALA A 83 12.26 -20.50 3.85
CA ALA A 83 13.12 -20.53 5.07
C ALA A 83 12.32 -21.01 6.30
N ALA A 84 10.99 -20.75 6.36
CA ALA A 84 10.06 -21.25 7.41
C ALA A 84 9.46 -22.63 7.07
N ARG A 85 9.76 -23.29 5.92
CA ARG A 85 9.54 -24.77 5.70
C ARG A 85 10.81 -25.63 5.91
N HIS A 87 12.58 -29.79 5.55
CA HIS A 87 13.19 -31.10 5.93
C HIS A 87 12.33 -32.30 5.49
N GLY A 88 12.86 -33.53 5.59
CA GLY A 88 12.09 -34.79 5.76
C GLY A 88 11.67 -34.92 7.21
N GLU A 89 10.83 -33.99 7.70
CA GLU A 89 10.43 -33.79 9.13
C GLU A 89 8.92 -33.99 9.26
N SER A 90 8.45 -34.47 10.41
CA SER A 90 7.00 -34.69 10.69
C SER A 90 6.27 -33.32 10.81
N GLY A 91 6.93 -32.33 11.39
CA GLY A 91 6.34 -31.08 11.91
C GLY A 91 5.66 -31.26 13.25
N MET A 92 5.78 -32.40 13.94
CA MET A 92 5.26 -32.59 15.31
C MET A 92 6.13 -33.65 15.99
N PRO A 93 7.43 -33.33 16.26
CA PRO A 93 8.34 -34.34 16.81
C PRO A 93 8.24 -34.48 18.32
N GLY A 94 8.81 -35.59 18.82
CA GLY A 94 9.04 -35.88 20.23
C GLY A 94 8.25 -37.07 20.74
N TYR A 95 7.44 -37.74 19.90
CA TYR A 95 6.64 -38.91 20.34
C TYR A 95 6.31 -39.80 19.14
N ASP A 96 6.34 -41.13 19.34
CA ASP A 96 5.98 -42.13 18.30
C ASP A 96 4.46 -42.35 18.46
N PHE A 97 3.67 -41.83 17.50
CA PHE A 97 2.20 -42.04 17.45
C PHE A 97 1.85 -43.32 16.66
N GLY A 98 2.81 -43.98 16.01
CA GLY A 98 2.63 -45.18 15.16
C GLY A 98 1.94 -44.86 13.85
N ASP A 99 1.42 -45.88 13.20
CA ASP A 99 0.92 -45.80 11.79
C ASP A 99 -0.55 -46.25 11.71
N ASP A 100 -1.31 -46.28 12.79
CA ASP A 100 -2.71 -46.83 12.80
C ASP A 100 -3.71 -45.69 12.88
N TYR A 101 -3.38 -44.47 12.42
CA TYR A 101 -4.15 -43.25 12.79
C TYR A 101 -5.27 -42.91 11.79
N GLY A 102 -5.44 -43.68 10.71
CA GLY A 102 -6.59 -43.52 9.81
C GLY A 102 -6.34 -42.43 8.78
N LYS A 103 -7.42 -42.01 8.12
CA LYS A 103 -7.42 -41.27 6.85
C LYS A 103 -8.29 -40.03 7.04
N PRO A 104 -7.98 -38.91 6.34
CA PRO A 104 -8.86 -37.76 6.37
C PRO A 104 -10.11 -38.02 5.53
N LEU A 105 -11.11 -37.18 5.69
CA LEU A 105 -12.25 -37.12 4.75
C LEU A 105 -11.76 -36.93 3.30
N ASP A 106 -12.54 -37.37 2.31
CA ASP A 106 -12.27 -37.04 0.88
C ASP A 106 -12.47 -35.54 0.59
N LYS A 107 -13.35 -34.88 1.31
CA LYS A 107 -13.69 -33.46 1.00
C LYS A 107 -12.63 -32.52 1.57
N THR A 108 -12.58 -31.33 1.00
CA THR A 108 -11.66 -30.26 1.45
C THR A 108 -12.10 -29.78 2.84
N ALA A 109 -11.19 -29.13 3.54
CA ALA A 109 -11.52 -28.42 4.80
C ALA A 109 -12.72 -27.51 4.62
N VAL A 110 -12.73 -26.69 3.55
CA VAL A 110 -13.85 -25.75 3.30
C VAL A 110 -15.19 -26.52 3.26
N GLU A 111 -15.25 -27.59 2.49
CA GLU A 111 -16.50 -28.36 2.31
C GLU A 111 -16.91 -29.01 3.62
N ALA A 112 -15.95 -29.56 4.36
CA ALA A 112 -16.22 -30.19 5.67
C ALA A 112 -16.68 -29.14 6.66
N LEU A 113 -16.05 -27.95 6.64
CA LEU A 113 -16.45 -26.85 7.56
C LEU A 113 -17.89 -26.43 7.27
N HIS A 114 -18.22 -26.21 6.00
CA HIS A 114 -19.56 -25.80 5.57
C HIS A 114 -20.60 -26.84 6.07
N ASP A 115 -20.36 -28.13 5.86
CA ASP A 115 -21.33 -29.18 6.28
C ASP A 115 -21.45 -29.23 7.80
N ALA A 116 -20.34 -29.20 8.52
CA ALA A 116 -20.33 -29.30 10.01
C ALA A 116 -20.96 -28.08 10.66
N ILE A 117 -20.75 -26.88 10.13
CA ILE A 117 -21.34 -25.65 10.72
C ILE A 117 -22.85 -25.62 10.46
N MET A 118 -23.28 -25.88 9.21
CA MET A 118 -24.72 -25.85 8.85
C MET A 118 -25.51 -26.92 9.64
N ALA A 119 -24.89 -28.03 10.08
CA ALA A 119 -25.55 -29.08 10.87
C ALA A 119 -25.85 -28.60 12.31
N GLU A 120 -25.29 -27.49 12.80
CA GLU A 120 -25.45 -27.02 14.20
C GLU A 120 -26.24 -25.72 14.21
N ASP A 121 -27.07 -25.51 15.23
CA ASP A 121 -27.68 -24.17 15.49
C ASP A 121 -26.54 -23.18 15.83
N GLU A 122 -25.57 -23.62 16.65
CA GLU A 122 -24.51 -22.74 17.19
C GLU A 122 -23.22 -23.55 17.32
N VAL A 123 -22.11 -22.97 16.86
CA VAL A 123 -20.75 -23.56 17.02
C VAL A 123 -19.76 -22.44 17.34
N ILE A 124 -18.65 -22.81 17.97
CA ILE A 124 -17.48 -21.92 18.11
C ILE A 124 -16.39 -22.47 17.15
N LEU A 125 -15.78 -21.59 16.39
CA LEU A 125 -14.70 -21.90 15.43
C LEU A 125 -13.38 -21.51 16.10
N VAL A 126 -12.38 -22.37 16.02
CA VAL A 126 -11.10 -22.20 16.78
C VAL A 126 -9.96 -22.41 15.78
N PRO A 127 -9.52 -21.34 15.07
CA PRO A 127 -8.35 -21.41 14.17
C PRO A 127 -7.04 -21.19 14.93
N THR A 128 -6.14 -22.17 14.86
CA THR A 128 -4.82 -22.17 15.51
C THR A 128 -3.67 -22.21 14.47
N GLY A 129 -3.95 -22.16 13.19
CA GLY A 129 -2.97 -21.97 12.13
C GLY A 129 -3.18 -20.61 11.51
N SER A 130 -2.64 -20.46 10.31
CA SER A 130 -3.03 -19.35 9.41
C SER A 130 -4.49 -19.53 9.01
N TYR A 131 -5.16 -18.47 8.54
CA TYR A 131 -6.66 -18.45 8.50
C TYR A 131 -7.22 -18.72 7.11
N THR A 132 -6.41 -19.26 6.19
CA THR A 132 -6.77 -19.51 4.76
C THR A 132 -8.12 -20.24 4.63
N ASN A 133 -8.31 -21.35 5.33
CA ASN A 133 -9.58 -22.13 5.22
C ASN A 133 -10.80 -21.30 5.64
N ILE A 134 -10.64 -20.48 6.67
CA ILE A 134 -11.76 -19.67 7.21
C ILE A 134 -12.12 -18.58 6.20
N ALA A 135 -11.11 -17.93 5.60
CA ALA A 135 -11.34 -16.90 4.55
C ALA A 135 -12.06 -17.51 3.35
N LEU A 136 -11.59 -18.67 2.87
CA LEU A 136 -12.24 -19.38 1.74
C LEU A 136 -13.68 -19.77 2.11
N LEU A 137 -13.87 -20.29 3.31
CA LEU A 137 -15.22 -20.69 3.83
C LEU A 137 -16.19 -19.50 3.76
N PHE A 138 -15.79 -18.37 4.36
CA PHE A 138 -16.67 -17.20 4.45
C PHE A 138 -16.95 -16.58 3.08
N SER A 139 -16.05 -16.73 2.13
CA SER A 139 -16.21 -16.21 0.75
C SER A 139 -17.18 -17.12 -0.04
N GLU A 140 -16.95 -18.43 0.00
CA GLU A 140 -17.80 -19.40 -0.77
C GLU A 140 -19.17 -19.63 -0.10
N TYR A 141 -19.24 -19.60 1.24
CA TYR A 141 -20.45 -19.94 2.03
C TYR A 141 -20.67 -18.93 3.13
N PRO A 142 -21.01 -17.65 2.78
CA PRO A 142 -21.32 -16.66 3.80
C PRO A 142 -22.50 -17.03 4.70
N GLU A 143 -23.38 -17.94 4.27
CA GLU A 143 -24.50 -18.53 5.07
C GLU A 143 -24.02 -19.21 6.35
N VAL A 144 -22.74 -19.59 6.49
CA VAL A 144 -22.27 -20.22 7.75
C VAL A 144 -22.27 -19.22 8.89
N LYS A 145 -22.15 -17.92 8.62
CA LYS A 145 -21.74 -16.94 9.67
C LYS A 145 -22.80 -16.85 10.77
N SER A 146 -24.10 -16.97 10.45
CA SER A 146 -25.20 -16.93 11.47
C SER A 146 -25.13 -18.14 12.40
N HIS A 147 -24.46 -19.25 12.02
CA HIS A 147 -24.30 -20.46 12.85
C HIS A 147 -23.12 -20.35 13.82
N ILE A 148 -22.27 -19.31 13.71
CA ILE A 148 -21.02 -19.22 14.47
C ILE A 148 -21.24 -18.20 15.58
N LYS A 149 -21.21 -18.64 16.83
CA LYS A 149 -21.33 -17.74 18.01
C LYS A 149 -20.10 -16.82 18.05
N GLN A 150 -18.91 -17.42 17.88
CA GLN A 150 -17.65 -16.75 18.13
C GLN A 150 -16.52 -17.48 17.38
N ILE A 151 -15.46 -16.73 17.10
CA ILE A 151 -14.17 -17.32 16.63
C ILE A 151 -13.17 -17.04 17.75
N VAL A 152 -12.49 -18.05 18.26
CA VAL A 152 -11.40 -17.89 19.26
C VAL A 152 -10.12 -18.27 18.52
N ALA A 153 -9.36 -17.27 18.08
CA ALA A 153 -8.23 -17.37 17.15
C ALA A 153 -6.91 -17.26 17.90
N MET A 154 -5.99 -18.20 17.65
CA MET A 154 -4.56 -18.04 18.05
CA MET A 154 -4.57 -18.02 18.05
C MET A 154 -3.92 -17.17 16.97
N GLY A 155 -3.39 -16.00 17.36
CA GLY A 155 -2.60 -15.19 16.43
C GLY A 155 -2.67 -13.74 16.73
N GLY A 156 -1.77 -13.00 16.08
CA GLY A 156 -1.64 -11.55 16.23
C GLY A 156 -0.78 -11.16 17.43
N SER A 157 -0.51 -9.87 17.49
CA SER A 157 0.17 -9.24 18.66
C SER A 157 -0.13 -7.75 18.64
N PHE A 158 -0.35 -7.20 19.82
CA PHE A 158 -0.43 -5.74 20.05
C PHE A 158 0.79 -5.26 20.84
N SER A 159 1.83 -6.06 20.97
CA SER A 159 3.04 -5.64 21.74
C SER A 159 4.31 -6.28 21.18
N GLY A 160 4.41 -6.50 19.90
CA GLY A 160 5.67 -7.06 19.35
C GLY A 160 5.45 -8.44 18.77
N GLY A 161 5.97 -8.64 17.57
CA GLY A 161 5.77 -9.85 16.79
C GLY A 161 6.85 -10.89 17.02
N ASN A 162 6.81 -11.92 16.19
CA ASN A 162 7.84 -12.99 16.13
C ASN A 162 8.37 -13.19 14.71
N MET A 163 7.68 -12.84 13.64
CA MET A 163 8.28 -12.89 12.26
C MET A 163 9.04 -11.59 11.95
N THR A 164 8.50 -10.46 12.37
CA THR A 164 9.15 -9.12 12.44
C THR A 164 8.77 -8.54 13.80
N SER A 165 9.21 -7.33 14.15
CA SER A 165 8.68 -6.60 15.32
C SER A 165 7.18 -6.34 15.20
N ALA A 166 6.63 -6.24 13.97
CA ALA A 166 5.22 -5.84 13.73
C ALA A 166 4.27 -7.02 13.66
N ALA A 167 4.71 -8.28 13.43
CA ALA A 167 3.77 -9.35 12.98
C ALA A 167 4.04 -10.69 13.62
N GLU A 168 2.96 -11.37 13.97
CA GLU A 168 2.93 -12.76 14.49
C GLU A 168 2.75 -13.72 13.30
N PHE A 169 3.28 -14.92 13.41
CA PHE A 169 3.34 -16.00 12.40
C PHE A 169 1.98 -16.30 11.73
N ASN A 170 0.94 -16.67 12.47
CA ASN A 170 -0.37 -17.11 11.87
C ASN A 170 -0.97 -16.04 10.98
N VAL A 171 -0.91 -14.79 11.42
CA VAL A 171 -1.42 -13.64 10.62
C VAL A 171 -0.43 -13.36 9.48
N PHE A 172 0.88 -13.29 9.77
CA PHE A 172 1.95 -13.03 8.78
C PHE A 172 1.89 -14.01 7.61
N THR A 173 1.59 -15.26 7.91
CA THR A 173 1.56 -16.36 6.91
C THR A 173 0.47 -16.10 5.87
N ASP A 174 -0.70 -15.56 6.27
CA ASP A 174 -1.78 -15.26 5.31
C ASP A 174 -2.49 -14.03 5.80
N PRO A 175 -1.91 -12.83 5.51
CA PRO A 175 -2.54 -11.59 5.98
C PRO A 175 -3.91 -11.35 5.33
N ASP A 176 -4.02 -11.70 4.04
CA ASP A 176 -5.27 -11.48 3.25
C ASP A 176 -6.39 -12.32 3.87
N ALA A 177 -6.10 -13.59 4.20
CA ALA A 177 -7.10 -14.47 4.86
C ALA A 177 -7.51 -13.91 6.23
N ALA A 178 -6.55 -13.42 7.01
CA ALA A 178 -6.80 -12.78 8.32
C ALA A 178 -7.68 -11.54 8.11
N LYS A 179 -7.45 -10.76 7.05
CA LYS A 179 -8.29 -9.55 6.82
C LYS A 179 -9.76 -9.95 6.55
N ILE A 180 -9.95 -10.97 5.69
CA ILE A 180 -11.31 -11.48 5.35
C ILE A 180 -11.98 -11.91 6.67
N MET A 181 -11.26 -12.64 7.53
CA MET A 181 -11.82 -13.17 8.81
C MET A 181 -12.19 -12.00 9.73
N TYR A 182 -11.28 -11.03 9.90
CA TYR A 182 -11.50 -9.88 10.79
C TYR A 182 -12.61 -8.93 10.29
N ASN A 183 -12.91 -8.91 8.99
CA ASN A 183 -13.99 -8.06 8.42
C ASN A 183 -15.30 -8.83 8.25
N ALA A 184 -15.42 -10.09 8.68
CA ALA A 184 -16.55 -10.97 8.30
C ALA A 184 -17.79 -10.68 9.18
N GLY A 185 -17.65 -10.01 10.32
CA GLY A 185 -18.79 -9.67 11.20
C GLY A 185 -19.09 -10.76 12.21
N VAL A 186 -18.29 -11.82 12.29
CA VAL A 186 -18.43 -12.87 13.35
C VAL A 186 -17.58 -12.40 14.52
N PRO A 187 -18.10 -12.37 15.78
CA PRO A 187 -17.30 -11.96 16.93
C PRO A 187 -16.02 -12.79 17.08
N ILE A 188 -14.91 -12.10 17.32
CA ILE A 188 -13.56 -12.71 17.42
C ILE A 188 -13.06 -12.48 18.84
N VAL A 189 -12.42 -13.49 19.39
CA VAL A 189 -11.53 -13.36 20.57
C VAL A 189 -10.11 -13.57 20.04
N THR A 190 -9.27 -12.56 20.22
CA THR A 190 -7.86 -12.58 19.74
C THR A 190 -6.99 -13.09 20.88
N VAL A 191 -6.41 -14.28 20.68
CA VAL A 191 -5.44 -14.91 21.63
C VAL A 191 -4.05 -14.74 20.98
N GLY A 192 -3.44 -13.58 21.18
CA GLY A 192 -2.18 -13.15 20.58
C GLY A 192 -1.01 -13.33 21.50
N LEU A 193 0.16 -12.90 20.99
CA LEU A 193 1.45 -13.06 21.72
C LEU A 193 1.43 -12.27 23.03
N ASP A 194 0.60 -11.22 23.13
CA ASP A 194 0.37 -10.45 24.38
C ASP A 194 0.14 -11.40 25.59
N VAL A 195 -0.65 -12.46 25.41
CA VAL A 195 -0.95 -13.44 26.47
C VAL A 195 -0.13 -14.72 26.28
N THR A 196 0.06 -15.22 25.06
CA THR A 196 0.68 -16.56 24.91
C THR A 196 2.15 -16.55 25.35
N LEU A 197 2.87 -15.44 25.16
CA LEU A 197 4.25 -15.31 25.67
C LEU A 197 4.30 -15.23 27.22
N LYS A 198 3.21 -14.94 27.90
CA LYS A 198 3.06 -15.00 29.38
C LYS A 198 2.61 -16.38 29.83
N ALA A 199 2.06 -17.24 28.96
CA ALA A 199 1.41 -18.54 29.33
C ALA A 199 2.53 -19.58 29.47
N LEU A 200 3.37 -19.39 30.50
CA LEU A 200 4.65 -20.13 30.68
C LEU A 200 4.33 -21.37 31.50
N LEU A 201 4.37 -22.52 30.84
CA LEU A 201 4.26 -23.85 31.50
C LEU A 201 5.60 -24.07 32.24
N THR A 202 5.58 -24.09 33.57
CA THR A 202 6.82 -24.10 34.42
C THR A 202 7.54 -25.44 34.29
N ALA A 203 8.86 -25.43 34.54
CA ALA A 203 9.71 -26.63 34.73
C ALA A 203 9.02 -27.64 35.67
N ASP A 204 8.47 -27.19 36.82
CA ASP A 204 7.76 -28.03 37.82
C ASP A 204 6.54 -28.69 37.13
N THR A 205 5.72 -27.91 36.41
CA THR A 205 4.58 -28.47 35.64
C THR A 205 5.06 -29.52 34.63
N ILE A 206 6.06 -29.21 33.84
CA ILE A 206 6.51 -30.10 32.74
C ILE A 206 7.07 -31.42 33.34
N GLU A 207 7.81 -31.33 34.44
CA GLU A 207 8.30 -32.54 35.17
C GLU A 207 7.12 -33.39 35.64
N LYS A 208 6.14 -32.81 36.35
CA LYS A 208 4.93 -33.52 36.85
C LYS A 208 4.16 -34.16 35.66
N LEU A 209 4.06 -33.46 34.53
CA LEU A 209 3.36 -33.91 33.30
C LEU A 209 3.92 -35.25 32.84
N GLY A 210 5.24 -35.35 32.66
CA GLY A 210 5.98 -36.54 32.19
C GLY A 210 5.73 -37.81 33.01
N SER A 211 5.40 -37.72 34.30
CA SER A 211 5.16 -38.86 35.24
C SER A 211 3.66 -39.10 35.53
N LEU A 212 2.74 -38.37 34.90
CA LEU A 212 1.33 -38.28 35.33
C LEU A 212 0.59 -39.51 34.81
N ASN A 213 0.74 -39.83 33.52
CA ASN A 213 -0.07 -40.85 32.78
C ASN A 213 0.45 -40.92 31.33
N LYS A 214 -0.24 -41.63 30.42
CA LYS A 214 0.23 -41.79 29.02
C LYS A 214 0.11 -40.42 28.29
N THR A 215 -0.94 -39.65 28.57
CA THR A 215 -1.14 -38.32 27.91
C THR A 215 -0.02 -37.36 28.36
N GLY A 216 0.24 -37.32 29.67
CA GLY A 216 1.35 -36.52 30.21
C GLY A 216 2.70 -36.88 29.62
N GLU A 217 2.99 -38.18 29.49
CA GLU A 217 4.20 -38.70 28.80
C GLU A 217 4.23 -38.21 27.35
N MET A 218 3.13 -38.31 26.61
CA MET A 218 3.09 -37.84 25.18
C MET A 218 3.34 -36.31 25.12
N LEU A 219 2.65 -35.53 25.95
CA LEU A 219 2.77 -34.03 25.93
C LEU A 219 4.18 -33.63 26.38
N HIS A 220 4.71 -34.29 27.42
CA HIS A 220 6.13 -34.13 27.86
C HIS A 220 7.08 -34.33 26.67
N GLY A 221 6.90 -35.39 25.89
CA GLY A 221 7.73 -35.69 24.71
C GLY A 221 7.72 -34.57 23.68
N LEU A 222 6.56 -34.05 23.32
CA LEU A 222 6.40 -32.94 22.34
C LEU A 222 6.97 -31.63 22.91
N ILE A 223 6.61 -31.31 24.16
CA ILE A 223 6.94 -30.01 24.83
C ILE A 223 8.45 -29.89 25.04
N THR A 224 9.13 -30.97 25.43
CA THR A 224 10.59 -30.99 25.74
C THR A 224 11.42 -31.40 24.52
N HIS A 225 10.84 -31.63 23.33
CA HIS A 225 11.64 -32.01 22.13
C HIS A 225 12.69 -30.92 21.82
N TYR A 226 12.32 -29.64 21.84
CA TYR A 226 13.21 -28.46 21.65
C TYR A 226 13.52 -27.87 23.05
N ASN A 227 14.79 -27.78 23.47
CA ASN A 227 15.22 -27.08 24.74
C ASN A 227 15.14 -25.55 24.55
N GLY A 233 10.88 -23.43 31.67
CA GLY A 233 9.50 -23.63 31.16
C GLY A 233 9.34 -23.47 29.64
N ARG A 234 8.10 -23.54 29.15
CA ARG A 234 7.80 -23.33 27.70
C ARG A 234 6.55 -22.43 27.57
N PRO A 235 6.62 -21.32 26.81
CA PRO A 235 5.41 -20.55 26.48
C PRO A 235 4.50 -21.42 25.58
N MET A 236 3.22 -21.50 25.93
CA MET A 236 2.22 -22.30 25.20
C MET A 236 1.29 -21.32 24.45
N HIS A 237 1.05 -21.60 23.19
CA HIS A 237 0.35 -20.68 22.26
C HIS A 237 -1.09 -21.18 22.13
N ASP A 238 -1.31 -22.04 21.16
CA ASP A 238 -2.62 -22.46 20.61
C ASP A 238 -3.57 -22.99 21.69
N VAL A 239 -3.04 -23.68 22.70
CA VAL A 239 -3.86 -24.24 23.81
C VAL A 239 -4.67 -23.16 24.54
N ASN A 240 -4.19 -21.93 24.56
CA ASN A 240 -4.89 -20.79 25.21
C ASN A 240 -6.24 -20.44 24.55
N THR A 241 -6.49 -20.85 23.29
CA THR A 241 -7.85 -20.73 22.72
C THR A 241 -8.82 -21.60 23.54
N ILE A 242 -8.41 -22.81 23.88
CA ILE A 242 -9.26 -23.74 24.66
C ILE A 242 -9.33 -23.30 26.11
N PHE A 243 -8.21 -22.83 26.67
CA PHE A 243 -8.20 -22.30 28.05
C PHE A 243 -9.14 -21.08 28.14
N TYR A 244 -9.18 -20.23 27.09
CA TYR A 244 -10.16 -19.10 27.03
C TYR A 244 -11.60 -19.63 27.03
N LEU A 245 -11.93 -20.61 26.21
CA LEU A 245 -13.31 -21.18 26.16
C LEU A 245 -13.73 -21.71 27.53
N LEU A 246 -12.83 -22.31 28.30
CA LEU A 246 -13.18 -22.98 29.58
C LEU A 246 -13.07 -22.02 30.75
N HIS A 247 -12.11 -21.08 30.72
CA HIS A 247 -11.76 -20.20 31.85
C HIS A 247 -11.52 -18.78 31.35
N PRO A 248 -12.56 -18.10 30.77
CA PRO A 248 -12.38 -16.73 30.31
C PRO A 248 -12.01 -15.76 31.46
N GLU A 249 -12.41 -16.09 32.71
CA GLU A 249 -12.03 -15.32 33.93
C GLU A 249 -10.53 -15.33 34.19
N ALA A 250 -9.76 -16.26 33.63
CA ALA A 250 -8.28 -16.26 33.74
C ALA A 250 -7.63 -15.22 32.82
N PHE A 251 -8.39 -14.48 31.98
CA PHE A 251 -7.85 -13.54 30.97
C PHE A 251 -8.34 -12.13 31.31
N THR A 252 -7.50 -11.12 31.05
CA THR A 252 -7.93 -9.71 30.91
C THR A 252 -8.12 -9.44 29.43
N THR A 253 -9.30 -8.95 29.06
CA THR A 253 -9.63 -8.66 27.65
C THR A 253 -10.05 -7.20 27.50
N LYS A 254 -10.02 -6.73 26.26
CA LYS A 254 -10.48 -5.38 25.89
C LYS A 254 -11.07 -5.48 24.49
N ASP A 255 -12.31 -5.02 24.32
CA ASP A 255 -12.92 -4.94 22.97
C ASP A 255 -12.17 -3.83 22.21
N MET A 256 -11.78 -4.10 20.98
CA MET A 256 -11.20 -3.03 20.14
C MET A 256 -11.41 -3.32 18.67
N TRP A 257 -11.20 -2.30 17.88
CA TRP A 257 -11.14 -2.45 16.40
C TRP A 257 -9.74 -2.98 16.06
N VAL A 258 -9.72 -4.05 15.27
CA VAL A 258 -8.46 -4.65 14.77
C VAL A 258 -8.51 -4.61 13.23
N ASP A 259 -7.47 -4.01 12.64
CA ASP A 259 -7.19 -4.05 11.20
C ASP A 259 -6.00 -5.00 10.94
N ILE A 260 -5.98 -5.61 9.79
CA ILE A 260 -4.83 -6.44 9.30
C ILE A 260 -4.08 -5.65 8.24
N GLN A 261 -2.76 -5.48 8.44
CA GLN A 261 -1.87 -4.92 7.42
C GLN A 261 -1.52 -6.05 6.46
N THR A 262 -1.77 -5.88 5.18
CA THR A 262 -1.60 -6.95 4.16
C THR A 262 -0.49 -6.65 3.16
N ASP A 263 0.27 -5.58 3.32
CA ASP A 263 1.42 -5.27 2.45
C ASP A 263 2.41 -4.37 3.17
N GLY A 264 3.52 -4.06 2.48
CA GLY A 264 4.54 -3.19 3.07
C GLY A 264 5.36 -3.88 4.13
N PRO A 265 6.28 -3.14 4.78
CA PRO A 265 7.15 -3.77 5.79
C PRO A 265 6.43 -4.30 7.01
N ALA A 266 5.27 -3.71 7.37
CA ALA A 266 4.45 -4.18 8.53
C ALA A 266 3.47 -5.27 8.11
N ILE A 267 3.61 -5.87 6.92
CA ILE A 267 2.77 -7.03 6.49
C ILE A 267 2.58 -8.03 7.64
N GLY A 268 1.32 -8.40 7.88
CA GLY A 268 0.95 -9.37 8.93
C GLY A 268 0.65 -8.72 10.27
N ALA A 269 0.74 -7.41 10.39
CA ALA A 269 0.45 -6.72 11.69
C ALA A 269 -1.06 -6.81 11.97
N THR A 270 -1.41 -7.16 13.21
CA THR A 270 -2.75 -6.89 13.79
C THR A 270 -2.70 -5.52 14.44
N VAL A 271 -3.32 -4.53 13.82
CA VAL A 271 -3.26 -3.13 14.33
C VAL A 271 -4.54 -2.89 15.16
N GLY A 272 -4.34 -2.74 16.46
CA GLY A 272 -5.41 -2.47 17.41
C GLY A 272 -5.59 -0.97 17.54
N ASP A 273 -6.81 -0.48 17.41
CA ASP A 273 -7.13 0.96 17.62
C ASP A 273 -7.23 1.13 19.14
N ILE A 274 -6.08 1.16 19.81
CA ILE A 274 -5.96 1.12 21.30
C ILE A 274 -6.58 2.38 21.94
N ARG A 275 -6.59 3.50 21.24
CA ARG A 275 -7.24 4.77 21.69
C ARG A 275 -8.72 4.80 21.34
N ALA A 276 -9.27 3.89 20.52
CA ALA A 276 -10.62 3.97 19.91
C ALA A 276 -10.78 5.33 19.22
N ALA A 277 -9.78 5.74 18.45
CA ALA A 277 -9.73 7.09 17.84
C ALA A 277 -10.29 7.08 16.42
N TYR A 278 -10.30 5.97 15.72
CA TYR A 278 -10.38 5.94 14.22
C TYR A 278 -11.59 5.17 13.71
N HIS A 279 -12.40 4.49 14.52
CA HIS A 279 -13.47 3.56 14.03
C HIS A 279 -14.86 3.91 14.60
N ASP A 280 -15.09 5.16 14.96
CA ASP A 280 -16.37 5.64 15.57
C ASP A 280 -16.85 4.77 16.75
N GLY A 281 -15.93 4.27 17.58
CA GLY A 281 -16.23 3.40 18.73
C GLY A 281 -16.65 1.97 18.39
N LYS A 282 -16.60 1.55 17.13
CA LYS A 282 -16.92 0.17 16.71
C LYS A 282 -15.74 -0.75 17.05
N THR A 283 -16.06 -1.98 17.40
CA THR A 283 -15.06 -3.02 17.74
C THR A 283 -15.42 -4.25 16.92
N ASN A 284 -14.43 -5.06 16.59
CA ASN A 284 -14.63 -6.37 15.91
C ASN A 284 -13.91 -7.50 16.64
N ALA A 285 -13.18 -7.26 17.72
CA ALA A 285 -12.42 -8.29 18.45
C ALA A 285 -12.37 -7.99 19.94
N LYS A 286 -12.40 -9.04 20.72
CA LYS A 286 -12.12 -9.03 22.18
C LYS A 286 -10.68 -9.52 22.33
N VAL A 287 -9.77 -8.57 22.58
CA VAL A 287 -8.32 -8.83 22.54
C VAL A 287 -7.88 -9.28 23.94
N CYS A 288 -7.16 -10.38 24.02
CA CYS A 288 -6.56 -10.91 25.25
C CYS A 288 -5.26 -10.13 25.53
N LEU A 289 -5.20 -9.42 26.66
CA LEU A 289 -4.05 -8.57 27.06
C LEU A 289 -3.29 -9.16 28.24
N ASP A 290 -3.90 -9.97 29.09
CA ASP A 290 -3.19 -10.62 30.20
C ASP A 290 -3.84 -11.93 30.53
N ILE A 291 -3.10 -12.77 31.26
CA ILE A 291 -3.47 -14.15 31.59
C ILE A 291 -2.97 -14.44 33.02
N ASP A 292 -3.71 -15.23 33.77
CA ASP A 292 -3.28 -15.80 35.06
C ASP A 292 -2.46 -17.06 34.72
N ALA A 293 -1.13 -16.92 34.61
CA ALA A 293 -0.19 -18.03 34.27
C ALA A 293 -0.18 -19.10 35.37
N GLU A 294 -0.33 -18.71 36.64
CA GLU A 294 -0.38 -19.66 37.80
C GLU A 294 -1.60 -20.59 37.62
N TYR A 295 -2.77 -20.03 37.34
CA TYR A 295 -4.00 -20.82 37.13
C TYR A 295 -3.89 -21.65 35.84
N PHE A 296 -3.28 -21.13 34.78
CA PHE A 296 -3.00 -21.88 33.52
C PHE A 296 -2.27 -23.19 33.83
N ASN A 297 -1.24 -23.11 34.67
CA ASN A 297 -0.42 -24.28 35.11
C ASN A 297 -1.25 -25.28 35.89
N LYS A 298 -1.97 -24.82 36.92
CA LYS A 298 -2.88 -25.63 37.77
C LYS A 298 -3.92 -26.36 36.88
N TRP A 299 -4.58 -25.58 36.02
CA TRP A 299 -5.57 -26.09 35.03
C TRP A 299 -4.98 -27.18 34.12
N PHE A 300 -3.82 -26.90 33.52
CA PHE A 300 -3.15 -27.80 32.56
C PHE A 300 -2.94 -29.18 33.23
N LEU A 301 -2.42 -29.18 34.46
CA LEU A 301 -2.16 -30.44 35.24
C LEU A 301 -3.47 -31.13 35.62
N GLU A 302 -4.45 -30.40 36.13
CA GLU A 302 -5.79 -30.93 36.55
C GLU A 302 -6.45 -31.64 35.36
N GLU A 303 -6.49 -30.99 34.19
CA GLU A 303 -7.08 -31.55 32.94
C GLU A 303 -6.36 -32.83 32.52
N VAL A 304 -5.04 -32.80 32.41
CA VAL A 304 -4.23 -33.96 31.92
C VAL A 304 -4.37 -35.13 32.93
N SER A 305 -4.48 -34.87 34.23
CA SER A 305 -4.61 -35.93 35.27
C SER A 305 -5.89 -36.75 35.06
N LYS A 306 -6.96 -36.18 34.49
CA LYS A 306 -8.25 -36.88 34.18
C LYS A 306 -8.20 -37.63 32.84
N MET A 307 -7.10 -37.62 32.08
CA MET A 307 -6.98 -38.24 30.75
C MET A 307 -6.28 -39.61 30.88
N LYS A 308 -6.18 -40.35 29.78
CA LYS A 308 -5.46 -41.67 29.71
C LYS A 308 -3.96 -41.47 30.07
N HIS B 7 37.80 18.62 24.94
CA HIS B 7 36.87 18.54 23.78
C HIS B 7 35.44 18.37 24.31
N THR B 8 34.49 19.03 23.66
CA THR B 8 33.01 18.91 23.86
C THR B 8 32.43 18.24 22.59
N THR B 9 31.34 17.48 22.72
CA THR B 9 30.59 16.93 21.58
C THR B 9 29.63 18.02 21.05
N LYS B 10 29.70 18.32 19.77
CA LYS B 10 28.83 19.33 19.12
C LYS B 10 27.50 18.61 18.84
N ILE B 11 26.39 19.15 19.31
CA ILE B 11 25.03 18.60 19.05
C ILE B 11 24.09 19.68 18.53
N ILE B 12 23.12 19.23 17.74
CA ILE B 12 22.01 20.05 17.23
C ILE B 12 20.72 19.27 17.57
N MET B 13 19.75 19.95 18.15
CA MET B 13 18.47 19.35 18.57
C MET B 13 17.36 19.89 17.69
N ASP B 14 16.55 18.99 17.16
CA ASP B 14 15.33 19.29 16.38
C ASP B 14 14.15 18.81 17.23
N THR B 15 13.22 19.70 17.59
CA THR B 15 12.34 19.52 18.79
C THR B 15 10.92 20.02 18.49
N ASP B 16 9.97 19.59 19.30
CA ASP B 16 8.57 20.10 19.29
C ASP B 16 8.15 20.32 20.73
N PRO B 17 8.84 21.16 21.53
CA PRO B 17 8.53 21.24 22.96
C PRO B 17 7.11 21.76 23.19
N GLY B 18 6.30 21.08 24.00
CA GLY B 18 6.47 19.74 24.55
C GLY B 18 7.31 19.64 25.83
N ILE B 19 6.74 19.07 26.87
CA ILE B 19 7.38 18.86 28.21
C ILE B 19 8.58 17.91 28.07
N ASP B 20 8.47 16.85 27.25
CA ASP B 20 9.59 15.88 27.13
C ASP B 20 10.79 16.57 26.51
N ASP B 21 10.57 17.38 25.50
CA ASP B 21 11.66 18.10 24.81
C ASP B 21 12.30 19.09 25.79
N ALA B 22 11.50 19.74 26.64
CA ALA B 22 12.00 20.68 27.67
C ALA B 22 13.01 20.00 28.58
N ALA B 23 12.72 18.77 29.04
CA ALA B 23 13.65 18.00 29.88
C ALA B 23 14.94 17.65 29.10
N ALA B 24 14.83 17.21 27.86
CA ALA B 24 15.98 16.92 26.95
C ALA B 24 16.86 18.17 26.77
N LEU B 25 16.24 19.30 26.43
CA LEU B 25 16.94 20.60 26.24
C LEU B 25 17.64 21.00 27.55
N THR B 26 16.97 20.85 28.69
CA THR B 26 17.54 21.17 30.02
C THR B 26 18.88 20.43 30.20
N MET B 27 18.90 19.12 29.94
CA MET B 27 20.11 18.30 30.18
C MET B 27 21.19 18.66 29.18
N ALA B 28 20.80 18.87 27.92
CA ALA B 28 21.74 19.18 26.81
C ALA B 28 22.41 20.54 27.03
N ILE B 29 21.63 21.54 27.43
CA ILE B 29 22.11 22.94 27.68
C ILE B 29 23.16 22.91 28.78
N ASN B 30 22.92 22.15 29.85
CA ASN B 30 23.64 22.26 31.14
C ASN B 30 24.81 21.30 31.24
N ASP B 31 24.89 20.21 30.47
CA ASP B 31 26.01 19.26 30.59
C ASP B 31 27.26 19.88 29.97
N PRO B 32 28.39 20.00 30.71
CA PRO B 32 29.59 20.65 30.18
C PRO B 32 30.36 19.85 29.09
N SER B 33 30.09 18.58 28.85
CA SER B 33 30.68 17.76 27.75
C SER B 33 29.93 17.97 26.43
N LEU B 34 28.77 18.65 26.44
CA LEU B 34 27.96 18.89 25.24
C LEU B 34 28.05 20.37 24.91
N ASP B 35 28.11 20.64 23.62
CA ASP B 35 27.99 22.00 23.07
C ASP B 35 26.79 21.99 22.10
N LEU B 36 25.66 22.50 22.59
CA LEU B 36 24.40 22.60 21.83
C LEU B 36 24.50 23.83 20.92
N LYS B 37 24.70 23.62 19.63
CA LYS B 37 24.98 24.68 18.63
C LYS B 37 23.72 25.39 18.18
N LEU B 38 22.59 24.68 18.17
CA LEU B 38 21.36 25.11 17.47
C LEU B 38 20.19 24.25 17.94
N VAL B 39 19.04 24.88 18.12
CA VAL B 39 17.75 24.19 18.34
C VAL B 39 16.83 24.56 17.19
N THR B 40 16.29 23.56 16.53
CA THR B 40 15.23 23.74 15.52
C THR B 40 13.96 23.16 16.07
N THR B 41 12.87 23.65 15.53
CA THR B 41 11.52 23.21 15.91
C THR B 41 10.71 22.78 14.71
N VAL B 42 9.76 21.92 15.02
CA VAL B 42 8.75 21.39 14.07
C VAL B 42 7.40 21.52 14.79
N ALA B 43 6.36 21.68 14.02
CA ALA B 43 4.95 21.55 14.49
C ALA B 43 4.69 20.15 15.04
N GLY B 44 3.85 20.06 16.05
CA GLY B 44 3.37 18.78 16.59
C GLY B 44 1.98 18.98 17.18
N ASN B 45 1.85 18.71 18.46
CA ASN B 45 0.57 18.84 19.22
C ASN B 45 0.19 20.33 19.24
N VAL B 46 1.17 21.24 19.20
CA VAL B 46 0.95 22.67 18.87
C VAL B 46 1.69 23.06 17.60
N THR B 47 1.31 24.20 17.03
CA THR B 47 1.87 24.79 15.79
C THR B 47 3.37 25.07 15.97
N ALA B 48 4.10 25.19 14.86
CA ALA B 48 5.53 25.51 14.83
C ALA B 48 5.82 26.84 15.55
N ASP B 49 4.93 27.84 15.42
CA ASP B 49 5.05 29.14 16.16
C ASP B 49 5.11 28.88 17.67
N LYS B 50 4.30 27.96 18.19
CA LYS B 50 4.24 27.65 19.64
C LYS B 50 5.43 26.79 20.09
N THR B 51 5.83 25.75 19.31
CA THR B 51 7.01 24.93 19.67
C THR B 51 8.25 25.84 19.64
N THR B 52 8.34 26.78 18.70
CA THR B 52 9.45 27.77 18.62
C THR B 52 9.52 28.60 19.92
N ALA B 53 8.39 29.19 20.31
CA ALA B 53 8.26 29.95 21.58
C ALA B 53 8.73 29.08 22.77
N ASN B 54 8.35 27.80 22.81
CA ASN B 54 8.69 26.87 23.94
C ASN B 54 10.18 26.59 23.98
N ALA B 55 10.84 26.38 22.84
CA ALA B 55 12.31 26.18 22.80
C ALA B 55 13.01 27.46 23.31
N LEU B 56 12.55 28.63 22.88
CA LEU B 56 13.08 29.97 23.32
C LEU B 56 12.89 30.15 24.83
N LYS B 57 11.75 29.73 25.36
CA LYS B 57 11.45 29.80 26.83
C LYS B 57 12.47 29.02 27.64
N ILE B 58 12.80 27.80 27.23
CA ILE B 58 13.78 26.93 27.93
C ILE B 58 15.17 27.53 27.82
N ILE B 59 15.60 27.92 26.61
CA ILE B 59 16.98 28.51 26.41
C ILE B 59 17.11 29.79 27.29
N HIS B 60 16.10 30.66 27.25
CA HIS B 60 16.05 31.93 28.04
C HIS B 60 16.06 31.63 29.53
N PHE B 61 15.35 30.58 30.00
CA PHE B 61 15.36 30.16 31.43
C PHE B 61 16.80 29.95 31.94
N PHE B 62 17.70 29.37 31.13
CA PHE B 62 19.12 29.14 31.48
C PHE B 62 20.03 30.35 31.14
N GLY B 63 19.50 31.48 30.66
CA GLY B 63 20.29 32.69 30.32
C GLY B 63 21.22 32.48 29.14
N LYS B 64 20.90 31.55 28.22
CA LYS B 64 21.73 31.18 27.05
C LYS B 64 21.19 31.92 25.85
N ASP B 65 22.04 32.04 24.83
CA ASP B 65 21.80 32.72 23.54
C ASP B 65 21.90 31.67 22.41
N ILE B 66 21.57 30.39 22.69
CA ILE B 66 21.61 29.31 21.67
C ILE B 66 20.54 29.65 20.63
N PRO B 67 20.87 29.72 19.32
CA PRO B 67 19.89 30.07 18.29
C PRO B 67 18.77 29.05 18.15
N VAL B 68 17.55 29.54 17.92
CA VAL B 68 16.35 28.75 17.58
C VAL B 68 15.95 29.11 16.15
N ALA B 69 15.69 28.12 15.31
CA ALA B 69 15.09 28.30 13.97
C ALA B 69 13.79 27.49 13.90
N ALA B 70 12.69 28.18 13.59
CA ALA B 70 11.35 27.59 13.35
C ALA B 70 11.37 26.78 12.06
N GLY B 71 10.79 25.57 12.07
CA GLY B 71 10.77 24.70 10.90
C GLY B 71 9.38 24.35 10.47
N ALA B 72 9.24 23.14 9.95
CA ALA B 72 8.08 22.76 9.12
C ALA B 72 6.77 22.90 9.93
N LYS B 73 5.75 23.45 9.31
CA LYS B 73 4.42 23.72 9.91
C LYS B 73 3.50 22.49 9.84
N GLN B 74 3.85 21.48 9.04
CA GLN B 74 2.98 20.35 8.69
C GLN B 74 3.86 19.17 8.31
N PRO B 75 3.31 17.94 8.39
CA PRO B 75 4.01 16.77 7.85
C PRO B 75 4.14 16.85 6.33
N LEU B 76 5.08 16.08 5.77
CA LEU B 76 5.27 16.06 4.31
C LEU B 76 3.98 15.70 3.60
N ILE B 77 3.36 14.59 3.97
CA ILE B 77 2.24 13.94 3.22
C ILE B 77 1.06 13.64 4.15
N LYS B 78 1.27 13.04 5.32
CA LYS B 78 0.18 12.54 6.17
C LYS B 78 -0.53 13.75 6.78
N PRO B 79 -1.83 14.02 6.51
CA PRO B 79 -2.50 15.18 7.10
C PRO B 79 -2.43 15.10 8.63
N PHE B 80 -2.06 16.21 9.29
CA PHE B 80 -1.91 16.20 10.76
C PHE B 80 -3.31 15.95 11.40
N GLU B 81 -3.41 14.98 12.30
CA GLU B 81 -4.68 14.64 13.00
C GLU B 81 -5.05 15.76 13.95
N ASP B 82 -6.13 16.51 13.63
CA ASP B 82 -6.67 17.65 14.39
C ASP B 82 -7.15 17.21 15.79
N ALA B 83 -7.59 15.96 15.96
CA ALA B 83 -7.79 15.26 17.26
C ALA B 83 -6.54 15.34 18.16
N ALA B 84 -5.32 15.34 17.57
CA ALA B 84 -4.01 15.49 18.26
C ALA B 84 -3.55 16.97 18.31
N ARG B 85 -4.29 17.98 17.78
CA ARG B 85 -3.83 19.41 17.62
C ARG B 85 -4.48 20.27 18.73
N ILE B 86 -3.73 20.60 19.81
CA ILE B 86 -4.21 21.47 20.92
C ILE B 86 -4.14 22.92 20.41
N HIS B 87 -5.28 23.63 20.27
CA HIS B 87 -5.36 25.06 19.84
C HIS B 87 -5.53 25.99 21.05
N GLY B 88 -5.12 27.26 20.92
CA GLY B 88 -5.16 28.32 21.95
C GLY B 88 -4.55 27.93 23.32
N GLU B 89 -3.55 27.03 23.36
CA GLU B 89 -2.72 26.66 24.55
C GLU B 89 -1.23 26.76 24.23
N SER B 90 -0.34 26.79 25.24
CA SER B 90 1.13 26.91 25.06
C SER B 90 1.71 25.65 24.37
N GLY B 91 1.24 24.45 24.73
CA GLY B 91 1.85 23.14 24.42
C GLY B 91 3.03 22.82 25.30
N MET B 92 3.29 23.59 26.37
CA MET B 92 4.34 23.25 27.37
C MET B 92 3.89 23.78 28.74
N PRO B 93 2.79 23.26 29.30
CA PRO B 93 2.18 23.87 30.50
C PRO B 93 2.88 23.40 31.79
N GLY B 94 2.61 24.13 32.88
CA GLY B 94 2.98 23.81 34.27
C GLY B 94 4.01 24.72 34.88
N TYR B 95 4.50 25.75 34.17
CA TYR B 95 5.45 26.74 34.71
C TYR B 95 5.32 28.06 33.93
N ASP B 96 5.42 29.18 34.64
CA ASP B 96 5.36 30.54 34.05
C ASP B 96 6.82 30.90 33.73
N PHE B 97 7.16 30.95 32.45
CA PHE B 97 8.49 31.37 31.95
C PHE B 97 8.58 32.89 31.77
N GLY B 98 7.47 33.63 31.84
CA GLY B 98 7.39 35.03 31.40
C GLY B 98 7.36 35.16 29.88
N ASP B 99 7.54 36.39 29.41
CA ASP B 99 7.45 36.80 27.98
C ASP B 99 8.78 37.40 27.51
N ASP B 100 9.91 37.22 28.21
CA ASP B 100 11.20 37.94 27.98
C ASP B 100 12.18 37.10 27.12
N TYR B 101 11.70 36.17 26.29
CA TYR B 101 12.48 34.96 25.87
C TYR B 101 13.20 35.14 24.52
N GLY B 102 13.06 36.29 23.84
CA GLY B 102 13.80 36.58 22.61
C GLY B 102 13.13 35.98 21.38
N LYS B 103 13.88 35.92 20.28
CA LYS B 103 13.35 35.80 18.90
C LYS B 103 14.06 34.62 18.24
N PRO B 104 13.40 33.88 17.33
CA PRO B 104 14.10 32.90 16.51
C PRO B 104 14.95 33.57 15.43
N LEU B 105 15.78 32.78 14.76
CA LEU B 105 16.44 33.22 13.50
C LEU B 105 15.38 33.57 12.46
N ASP B 106 15.71 34.43 11.51
CA ASP B 106 14.91 34.71 10.30
C ASP B 106 14.85 33.46 9.39
N LYS B 107 15.91 32.65 9.33
CA LYS B 107 15.97 31.51 8.41
C LYS B 107 15.12 30.33 8.91
N THR B 108 14.76 29.45 8.00
CA THR B 108 14.01 28.20 8.33
C THR B 108 14.94 27.26 9.09
N ALA B 109 14.35 26.31 9.80
CA ALA B 109 15.10 25.20 10.42
C ALA B 109 15.99 24.51 9.41
N VAL B 110 15.51 24.23 8.19
CA VAL B 110 16.33 23.52 7.18
C VAL B 110 17.59 24.35 6.91
N GLU B 111 17.43 25.65 6.64
CA GLU B 111 18.56 26.55 6.31
C GLU B 111 19.52 26.62 7.49
N ALA B 112 18.98 26.74 8.71
CA ALA B 112 19.79 26.82 9.95
C ALA B 112 20.53 25.50 10.17
N LEU B 113 19.86 24.37 9.93
CA LEU B 113 20.52 23.04 10.08
C LEU B 113 21.68 22.93 9.08
N HIS B 114 21.43 23.27 7.82
CA HIS B 114 22.46 23.23 6.74
C HIS B 114 23.68 24.05 7.17
N ASP B 115 23.46 25.30 7.61
CA ASP B 115 24.61 26.20 7.97
C ASP B 115 25.33 25.67 9.21
N ALA B 116 24.64 25.24 10.25
CA ALA B 116 25.25 24.79 11.51
C ALA B 116 25.98 23.46 11.31
N ILE B 117 25.47 22.55 10.48
CA ILE B 117 26.13 21.23 10.25
C ILE B 117 27.40 21.46 9.41
N MET B 118 27.31 22.23 8.32
CA MET B 118 28.46 22.47 7.42
C MET B 118 29.57 23.23 8.15
N ALA B 119 29.27 24.01 9.20
CA ALA B 119 30.28 24.75 10.01
C ALA B 119 31.12 23.79 10.88
N GLU B 120 30.74 22.52 11.09
CA GLU B 120 31.41 21.61 12.04
C GLU B 120 32.01 20.46 11.25
N ASP B 121 33.18 19.97 11.68
CA ASP B 121 33.80 18.71 11.17
C ASP B 121 32.82 17.55 11.45
N GLU B 122 32.29 17.54 12.66
CA GLU B 122 31.46 16.43 13.17
C GLU B 122 30.39 16.98 14.12
N VAL B 123 29.14 16.54 13.94
CA VAL B 123 28.01 16.87 14.84
C VAL B 123 27.15 15.62 15.08
N ILE B 124 26.46 15.59 16.20
CA ILE B 124 25.40 14.58 16.47
C ILE B 124 24.05 15.32 16.33
N LEU B 125 23.14 14.77 15.57
CA LEU B 125 21.79 15.36 15.34
C LEU B 125 20.84 14.61 16.26
N VAL B 126 19.95 15.32 16.94
CA VAL B 126 19.11 14.76 18.02
C VAL B 126 17.67 15.21 17.76
N PRO B 127 16.89 14.45 16.95
CA PRO B 127 15.49 14.76 16.65
C PRO B 127 14.58 14.16 17.73
N THR B 128 13.81 15.01 18.41
CA THR B 128 12.85 14.62 19.47
C THR B 128 11.40 14.99 19.09
N GLY B 129 11.14 15.45 17.87
CA GLY B 129 9.77 15.57 17.32
C GLY B 129 9.58 14.60 16.22
N SER B 130 8.59 14.86 15.37
CA SER B 130 8.51 14.27 14.03
C SER B 130 9.73 14.76 13.21
N TYR B 131 10.12 14.05 12.17
CA TYR B 131 11.43 14.20 11.49
C TYR B 131 11.35 15.03 10.23
N THR B 132 10.27 15.80 10.00
CA THR B 132 10.05 16.61 8.76
C THR B 132 11.27 17.45 8.38
N ASN B 133 11.83 18.22 9.34
CA ASN B 133 12.98 19.11 9.01
C ASN B 133 14.20 18.30 8.56
N ILE B 134 14.43 17.13 9.17
CA ILE B 134 15.57 16.27 8.83
C ILE B 134 15.41 15.72 7.41
N ALA B 135 14.20 15.26 7.04
CA ALA B 135 13.90 14.74 5.69
C ALA B 135 14.09 15.86 4.65
N LEU B 136 13.59 17.08 4.93
CA LEU B 136 13.77 18.24 4.03
C LEU B 136 15.25 18.58 3.89
N LEU B 137 15.98 18.60 4.99
CA LEU B 137 17.45 18.89 5.01
C LEU B 137 18.19 17.89 4.10
N PHE B 138 17.96 16.59 4.32
CA PHE B 138 18.68 15.52 3.57
C PHE B 138 18.30 15.53 2.09
N SER B 139 17.12 15.99 1.73
CA SER B 139 16.65 16.09 0.33
C SER B 139 17.30 17.31 -0.37
N GLU B 140 17.22 18.47 0.27
CA GLU B 140 17.76 19.74 -0.32
C GLU B 140 19.30 19.81 -0.24
N TYR B 141 19.91 19.26 0.81
CA TYR B 141 21.36 19.37 1.11
C TYR B 141 21.91 18.01 1.53
N PRO B 142 21.94 17.01 0.62
CA PRO B 142 22.50 15.69 0.99
C PRO B 142 23.97 15.73 1.41
N GLU B 143 24.72 16.76 0.97
CA GLU B 143 26.13 16.99 1.38
C GLU B 143 26.29 17.15 2.89
N VAL B 144 25.25 17.45 3.68
CA VAL B 144 25.39 17.51 5.17
C VAL B 144 25.77 16.16 5.77
N LYS B 145 25.43 15.04 5.11
CA LYS B 145 25.50 13.71 5.78
C LYS B 145 26.89 13.34 6.24
N SER B 146 27.95 13.70 5.50
CA SER B 146 29.35 13.39 5.90
C SER B 146 29.76 14.14 7.18
N HIS B 147 29.07 15.22 7.56
CA HIS B 147 29.35 16.01 8.80
C HIS B 147 28.62 15.45 10.01
N ILE B 148 27.74 14.46 9.85
CA ILE B 148 26.89 13.95 10.95
C ILE B 148 27.49 12.60 11.36
N LYS B 149 28.02 12.50 12.56
CA LYS B 149 28.57 11.22 13.10
C LYS B 149 27.41 10.24 13.31
N GLN B 150 26.31 10.72 13.91
CA GLN B 150 25.21 9.87 14.38
C GLN B 150 23.92 10.72 14.49
N ILE B 151 22.76 10.06 14.38
CA ILE B 151 21.43 10.63 14.71
C ILE B 151 20.98 9.85 15.93
N VAL B 152 20.66 10.51 17.04
CA VAL B 152 20.07 9.90 18.25
C VAL B 152 18.64 10.40 18.32
N ALA B 153 17.68 9.59 17.88
CA ALA B 153 16.28 9.95 17.59
C ALA B 153 15.35 9.42 18.67
N MET B 154 14.47 10.27 19.20
CA MET B 154 13.33 9.83 20.05
C MET B 154 12.22 9.44 19.07
N GLY B 155 11.78 8.19 19.15
CA GLY B 155 10.62 7.75 18.36
C GLY B 155 10.70 6.29 18.01
N GLY B 156 9.55 5.78 17.57
CA GLY B 156 9.39 4.37 17.21
C GLY B 156 9.07 3.49 18.39
N SER B 157 8.76 2.25 18.07
CA SER B 157 8.55 1.16 19.06
C SER B 157 8.64 -0.18 18.34
N PHE B 158 9.28 -1.12 18.97
CA PHE B 158 9.33 -2.55 18.56
C PHE B 158 8.49 -3.40 19.48
N SER B 159 7.67 -2.81 20.36
CA SER B 159 6.86 -3.60 21.31
C SER B 159 5.52 -2.94 21.62
N GLY B 160 4.93 -2.24 20.67
CA GLY B 160 3.61 -1.63 20.97
C GLY B 160 3.71 -0.13 20.95
N GLY B 161 2.79 0.50 20.25
CA GLY B 161 2.76 1.93 19.99
C GLY B 161 1.93 2.69 21.02
N ASN B 162 1.76 3.98 20.74
CA ASN B 162 0.88 4.87 21.55
C ASN B 162 -0.17 5.56 20.67
N MET B 163 -0.01 5.75 19.38
CA MET B 163 -1.11 6.27 18.52
C MET B 163 -2.06 5.14 18.07
N THR B 164 -1.50 3.97 17.75
CA THR B 164 -2.17 2.69 17.56
C THR B 164 -1.29 1.64 18.27
N SER B 165 -1.67 0.36 18.25
CA SER B 165 -0.80 -0.75 18.69
C SER B 165 0.50 -0.81 17.90
N ALA B 166 0.50 -0.37 16.65
CA ALA B 166 1.62 -0.53 15.70
C ALA B 166 2.58 0.69 15.74
N ALA B 167 2.16 1.90 16.15
CA ALA B 167 2.90 3.16 15.81
C ALA B 167 3.06 4.09 17.01
N GLU B 168 4.22 4.73 17.08
CA GLU B 168 4.61 5.75 18.08
C GLU B 168 4.38 7.12 17.42
N PHE B 169 4.04 8.14 18.24
CA PHE B 169 3.67 9.51 17.79
C PHE B 169 4.66 10.17 16.80
N ASN B 170 5.95 10.29 17.12
CA ASN B 170 6.93 11.02 16.27
C ASN B 170 7.00 10.45 14.87
N VAL B 171 7.00 9.14 14.75
CA VAL B 171 7.02 8.43 13.44
C VAL B 171 5.65 8.53 12.80
N PHE B 172 4.59 8.23 13.56
CA PHE B 172 3.20 8.29 13.05
C PHE B 172 2.84 9.67 12.48
N THR B 173 3.35 10.72 13.09
CA THR B 173 3.04 12.14 12.67
C THR B 173 3.59 12.39 11.25
N ASP B 174 4.78 11.85 10.91
CA ASP B 174 5.36 12.05 9.56
C ASP B 174 6.11 10.79 9.18
N PRO B 175 5.38 9.75 8.72
CA PRO B 175 6.03 8.48 8.36
C PRO B 175 6.99 8.62 7.17
N ASP B 176 6.64 9.45 6.20
CA ASP B 176 7.43 9.67 4.96
C ASP B 176 8.76 10.32 5.35
N ALA B 177 8.74 11.32 6.21
CA ALA B 177 9.97 11.98 6.70
C ALA B 177 10.84 10.95 7.45
N ALA B 178 10.23 10.13 8.32
CA ALA B 178 10.94 9.04 9.02
C ALA B 178 11.58 8.07 8.02
N LYS B 179 10.90 7.75 6.94
CA LYS B 179 11.48 6.79 5.93
C LYS B 179 12.72 7.43 5.27
N ILE B 180 12.63 8.70 4.89
CA ILE B 180 13.78 9.43 4.29
C ILE B 180 14.95 9.38 5.30
N MET B 181 14.68 9.68 6.56
CA MET B 181 15.76 9.71 7.59
C MET B 181 16.38 8.29 7.77
N TYR B 182 15.54 7.28 7.90
CA TYR B 182 15.99 5.87 8.11
C TYR B 182 16.68 5.29 6.85
N ASN B 183 16.49 5.81 5.64
CA ASN B 183 17.19 5.37 4.43
C ASN B 183 18.40 6.23 4.12
N ALA B 184 18.75 7.24 4.94
CA ALA B 184 19.74 8.27 4.52
C ALA B 184 21.20 7.78 4.59
N GLY B 185 21.48 6.67 5.30
CA GLY B 185 22.82 6.07 5.45
C GLY B 185 23.60 6.72 6.57
N VAL B 186 23.00 7.59 7.39
CA VAL B 186 23.65 8.15 8.58
C VAL B 186 23.32 7.20 9.71
N PRO B 187 24.31 6.74 10.50
CA PRO B 187 24.02 5.88 11.65
C PRO B 187 22.99 6.50 12.61
N ILE B 188 22.00 5.68 13.00
CA ILE B 188 20.87 6.05 13.87
C ILE B 188 20.99 5.24 15.14
N VAL B 189 20.72 5.91 16.26
CA VAL B 189 20.33 5.28 17.54
C VAL B 189 18.85 5.52 17.71
N THR B 190 18.08 4.43 17.82
CA THR B 190 16.62 4.50 17.99
C THR B 190 16.33 4.47 19.49
N VAL B 191 15.80 5.57 20.02
CA VAL B 191 15.33 5.69 21.41
C VAL B 191 13.80 5.66 21.34
N GLY B 192 13.24 4.46 21.26
CA GLY B 192 11.79 4.21 21.16
C GLY B 192 11.13 3.88 22.47
N LEU B 193 9.84 3.55 22.37
CA LEU B 193 8.97 3.29 23.55
C LEU B 193 9.48 2.06 24.31
N ASP B 194 10.20 1.16 23.67
CA ASP B 194 10.82 -0.05 24.31
C ASP B 194 11.61 0.36 25.56
N VAL B 195 12.35 1.48 25.51
CA VAL B 195 13.12 1.98 26.67
C VAL B 195 12.41 3.14 27.34
N THR B 196 11.75 4.05 26.59
CA THR B 196 11.23 5.26 27.25
C THR B 196 10.11 4.90 28.23
N LEU B 197 9.30 3.90 27.94
CA LEU B 197 8.27 3.41 28.91
C LEU B 197 8.88 2.76 30.15
N LYS B 198 10.14 2.31 30.09
CA LYS B 198 10.91 1.79 31.25
C LYS B 198 11.62 2.90 32.01
N ALA B 199 11.81 4.11 31.41
CA ALA B 199 12.59 5.22 32.00
C ALA B 199 11.68 5.96 32.98
N LEU B 200 11.32 5.30 34.08
CA LEU B 200 10.28 5.77 35.03
C LEU B 200 10.97 6.63 36.05
N LEU B 201 10.73 7.93 35.97
CA LEU B 201 11.12 8.91 37.01
C LEU B 201 10.18 8.65 38.19
N THR B 202 10.69 8.18 39.32
CA THR B 202 9.87 7.73 40.50
C THR B 202 9.22 8.94 41.16
N ALA B 203 8.09 8.72 41.85
CA ALA B 203 7.42 9.70 42.73
C ALA B 203 8.44 10.34 43.69
N ASP B 204 9.34 9.54 44.29
CA ASP B 204 10.42 10.01 45.21
C ASP B 204 11.35 10.98 44.45
N THR B 205 11.80 10.61 43.25
CA THR B 205 12.64 11.52 42.39
C THR B 205 11.87 12.82 42.08
N ILE B 206 10.62 12.73 41.67
CA ILE B 206 9.82 13.93 41.26
C ILE B 206 9.62 14.85 42.48
N GLU B 207 9.34 14.30 43.66
CA GLU B 207 9.25 15.06 44.93
C GLU B 207 10.58 15.79 45.21
N LYS B 208 11.72 15.09 45.18
CA LYS B 208 13.07 15.67 45.40
C LYS B 208 13.36 16.77 44.36
N LEU B 209 12.96 16.56 43.11
CA LEU B 209 13.17 17.53 41.99
C LEU B 209 12.56 18.88 42.35
N GLY B 210 11.28 18.92 42.77
CA GLY B 210 10.52 20.14 43.10
C GLY B 210 11.16 21.02 44.18
N SER B 211 11.96 20.46 45.11
CA SER B 211 12.64 21.19 46.23
C SER B 211 14.14 21.44 45.97
N LEU B 212 14.67 21.09 44.79
CA LEU B 212 16.12 20.96 44.55
C LEU B 212 16.71 22.36 44.32
N ASN B 213 16.08 23.17 43.45
CA ASN B 213 16.58 24.49 42.98
C ASN B 213 15.53 25.08 42.02
N LYS B 214 15.84 26.17 41.29
CA LYS B 214 14.84 26.78 40.37
C LYS B 214 14.59 25.83 39.18
N THR B 215 15.63 25.16 38.68
CA THR B 215 15.48 24.19 37.53
C THR B 215 14.58 23.03 37.95
N GLY B 216 14.84 22.45 39.12
CA GLY B 216 14.03 21.37 39.70
C GLY B 216 12.56 21.79 39.85
N GLU B 217 12.32 22.99 40.38
CA GLU B 217 10.96 23.57 40.50
C GLU B 217 10.32 23.67 39.09
N MET B 218 11.05 24.20 38.11
CA MET B 218 10.53 24.34 36.72
C MET B 218 10.16 22.96 36.14
N LEU B 219 11.08 22.00 36.23
CA LEU B 219 10.88 20.63 35.66
C LEU B 219 9.74 19.91 36.40
N HIS B 220 9.70 20.02 37.73
CA HIS B 220 8.57 19.49 38.58
C HIS B 220 7.24 20.04 38.07
N GLY B 221 7.15 21.35 37.80
CA GLY B 221 5.92 21.97 37.29
C GLY B 221 5.46 21.37 35.97
N LEU B 222 6.37 21.20 35.00
CA LEU B 222 6.08 20.60 33.67
C LEU B 222 5.69 19.13 33.85
N ILE B 223 6.51 18.37 34.58
CA ILE B 223 6.35 16.88 34.75
C ILE B 223 5.03 16.54 35.45
N THR B 224 4.60 17.30 36.46
CA THR B 224 3.40 17.02 37.30
C THR B 224 2.15 17.73 36.74
N HIS B 225 2.21 18.50 35.65
CA HIS B 225 1.03 19.23 35.12
C HIS B 225 -0.07 18.22 34.73
N TYR B 226 0.24 17.14 34.00
CA TYR B 226 -0.73 16.07 33.63
C TYR B 226 -0.59 14.87 34.58
N GLY B 233 4.79 8.57 39.61
CA GLY B 233 5.95 8.40 38.68
C GLY B 233 5.61 8.74 37.24
N ARG B 234 6.61 9.03 36.38
CA ARG B 234 6.36 9.49 34.99
C ARG B 234 7.41 8.86 34.09
N PRO B 235 7.00 8.11 33.03
CA PRO B 235 7.91 7.69 31.96
C PRO B 235 8.43 8.96 31.24
N MET B 236 9.76 9.05 31.06
CA MET B 236 10.40 10.17 30.34
C MET B 236 10.85 9.70 28.96
N HIS B 237 10.62 10.51 27.95
CA HIS B 237 10.79 10.12 26.53
C HIS B 237 12.10 10.77 26.06
N ASP B 238 11.98 11.95 25.51
CA ASP B 238 13.01 12.69 24.69
C ASP B 238 14.33 12.85 25.45
N VAL B 239 14.29 13.03 26.78
CA VAL B 239 15.52 13.21 27.60
C VAL B 239 16.48 12.00 27.46
N ASN B 240 15.96 10.82 27.13
CA ASN B 240 16.79 9.61 26.94
C ASN B 240 17.71 9.69 25.72
N THR B 241 17.47 10.57 24.75
CA THR B 241 18.47 10.85 23.68
C THR B 241 19.74 11.41 24.33
N ILE B 242 19.60 12.32 25.29
CA ILE B 242 20.76 12.98 25.94
C ILE B 242 21.39 12.03 26.93
N PHE B 243 20.57 11.27 27.67
CA PHE B 243 21.06 10.22 28.60
C PHE B 243 21.86 9.17 27.81
N TYR B 244 21.43 8.81 26.61
CA TYR B 244 22.19 7.88 25.71
C TYR B 244 23.53 8.51 25.30
N LEU B 245 23.55 9.75 24.84
CA LEU B 245 24.83 10.44 24.50
C LEU B 245 25.82 10.44 25.69
N LEU B 246 25.36 10.61 26.91
CA LEU B 246 26.23 10.77 28.12
C LEU B 246 26.55 9.43 28.77
N HIS B 247 25.62 8.46 28.75
CA HIS B 247 25.70 7.17 29.46
C HIS B 247 25.19 6.04 28.56
N PRO B 248 25.85 5.76 27.42
CA PRO B 248 25.41 4.62 26.58
C PRO B 248 25.44 3.27 27.29
N GLU B 249 26.33 3.13 28.29
CA GLU B 249 26.43 1.90 29.17
C GLU B 249 25.16 1.67 29.98
N ALA B 250 24.30 2.68 30.19
CA ALA B 250 23.00 2.50 30.85
C ALA B 250 21.96 1.82 29.95
N PHE B 251 22.22 1.57 28.66
CA PHE B 251 21.27 1.02 27.66
C PHE B 251 21.74 -0.35 27.19
N THR B 252 20.79 -1.23 26.92
CA THR B 252 20.98 -2.44 26.09
C THR B 252 20.51 -2.10 24.69
N THR B 253 21.32 -2.35 23.70
CA THR B 253 21.03 -2.04 22.28
C THR B 253 21.15 -3.30 21.42
N LYS B 254 20.56 -3.22 20.23
CA LYS B 254 20.67 -4.29 19.21
C LYS B 254 20.65 -3.61 17.86
N ASP B 255 21.68 -3.84 17.05
CA ASP B 255 21.76 -3.36 15.66
C ASP B 255 20.69 -4.11 14.85
N MET B 256 19.85 -3.40 14.12
CA MET B 256 18.89 -4.09 13.23
C MET B 256 18.53 -3.23 12.04
N TRP B 257 17.94 -3.85 11.06
CA TRP B 257 17.30 -3.13 9.94
C TRP B 257 15.91 -2.65 10.40
N VAL B 258 15.64 -1.37 10.22
CA VAL B 258 14.35 -0.72 10.55
C VAL B 258 13.78 -0.15 9.24
N ASP B 259 12.55 -0.54 8.93
CA ASP B 259 11.71 0.01 7.86
C ASP B 259 10.60 0.84 8.50
N ILE B 260 10.16 1.87 7.80
CA ILE B 260 8.97 2.69 8.19
C ILE B 260 7.78 2.31 7.30
N GLN B 261 6.68 1.90 7.94
CA GLN B 261 5.37 1.73 7.24
C GLN B 261 4.79 3.12 7.01
N THR B 262 4.48 3.45 5.77
CA THR B 262 4.00 4.81 5.39
C THR B 262 2.54 4.82 4.92
N ASP B 263 1.85 3.70 4.93
CA ASP B 263 0.40 3.67 4.58
C ASP B 263 -0.26 2.46 5.21
N GLY B 264 -1.54 2.31 4.98
CA GLY B 264 -2.33 1.20 5.54
C GLY B 264 -2.58 1.43 7.05
N PRO B 265 -3.26 0.48 7.68
CA PRO B 265 -3.58 0.59 9.11
C PRO B 265 -2.35 0.64 10.03
N ALA B 266 -1.21 0.03 9.62
CA ALA B 266 0.05 0.05 10.40
C ALA B 266 0.87 1.30 10.07
N ILE B 267 0.32 2.33 9.38
CA ILE B 267 0.99 3.62 9.15
C ILE B 267 1.73 4.11 10.41
N GLY B 268 3.00 4.48 10.26
CA GLY B 268 3.82 4.97 11.37
C GLY B 268 4.60 3.89 12.09
N ALA B 269 4.43 2.61 11.77
CA ALA B 269 5.18 1.54 12.44
C ALA B 269 6.67 1.64 12.07
N THR B 270 7.52 1.48 13.08
CA THR B 270 8.95 1.15 12.90
C THR B 270 9.04 -0.36 12.92
N VAL B 271 9.33 -0.94 11.78
CA VAL B 271 9.35 -2.42 11.66
C VAL B 271 10.81 -2.85 11.75
N GLY B 272 11.15 -3.51 12.84
CA GLY B 272 12.50 -4.07 13.07
C GLY B 272 12.57 -5.46 12.51
N ASP B 273 13.61 -5.76 11.76
CA ASP B 273 13.87 -7.13 11.24
C ASP B 273 14.59 -7.82 12.39
N ILE B 274 13.84 -8.19 13.42
CA ILE B 274 14.31 -8.78 14.70
C ILE B 274 15.04 -10.12 14.45
N ARG B 275 14.66 -10.87 13.39
CA ARG B 275 15.29 -12.15 12.99
C ARG B 275 16.51 -11.92 12.09
N ALA B 276 16.77 -10.69 11.58
CA ALA B 276 17.73 -10.42 10.49
C ALA B 276 17.50 -11.38 9.31
N ALA B 277 16.25 -11.58 8.91
CA ALA B 277 15.83 -12.58 7.87
C ALA B 277 15.74 -11.94 6.50
N TYR B 278 15.53 -10.63 6.38
CA TYR B 278 15.01 -10.03 5.12
C TYR B 278 15.97 -9.04 4.48
N HIS B 279 17.07 -8.62 5.11
CA HIS B 279 17.91 -7.50 4.62
C HIS B 279 19.37 -7.88 4.42
N ASP B 280 19.65 -9.15 4.14
CA ASP B 280 21.04 -9.65 3.83
C ASP B 280 22.04 -9.23 4.91
N GLY B 281 21.63 -9.23 6.19
CA GLY B 281 22.47 -8.88 7.35
C GLY B 281 22.74 -7.39 7.54
N LYS B 282 22.19 -6.50 6.70
CA LYS B 282 22.42 -5.06 6.74
C LYS B 282 21.59 -4.50 7.92
N THR B 283 22.12 -3.47 8.55
CA THR B 283 21.42 -2.74 9.65
C THR B 283 21.55 -1.26 9.35
N ASN B 284 20.58 -0.48 9.81
CA ASN B 284 20.58 1.00 9.70
C ASN B 284 20.33 1.66 11.06
N ALA B 285 20.13 0.93 12.14
CA ALA B 285 19.83 1.50 13.46
C ALA B 285 20.36 0.62 14.56
N LYS B 286 20.79 1.29 15.60
CA LYS B 286 21.13 0.70 16.91
C LYS B 286 19.90 0.96 17.74
N VAL B 287 19.08 -0.07 17.96
CA VAL B 287 17.79 0.05 18.68
C VAL B 287 18.01 -0.08 20.18
N CYS B 288 17.47 0.84 20.97
CA CYS B 288 17.50 0.80 22.44
C CYS B 288 16.38 -0.14 22.91
N LEU B 289 16.75 -1.25 23.60
CA LEU B 289 15.77 -2.29 24.06
C LEU B 289 15.60 -2.28 25.59
N ASP B 290 16.58 -1.81 26.35
CA ASP B 290 16.46 -1.76 27.83
C ASP B 290 17.31 -0.62 28.36
N ILE B 291 17.00 -0.24 29.59
CA ILE B 291 17.60 0.91 30.29
C ILE B 291 17.78 0.54 31.76
N ASP B 292 18.83 1.07 32.38
CA ASP B 292 18.99 1.05 33.86
C ASP B 292 18.16 2.21 34.42
N ALA B 293 16.92 1.94 34.82
CA ALA B 293 15.98 2.93 35.41
C ALA B 293 16.52 3.54 36.73
N GLU B 294 17.21 2.74 37.56
CA GLU B 294 17.79 3.18 38.87
C GLU B 294 18.84 4.24 38.58
N TYR B 295 19.75 3.98 37.64
CA TYR B 295 20.82 4.92 37.26
C TYR B 295 20.22 6.16 36.57
N PHE B 296 19.20 6.00 35.73
CA PHE B 296 18.48 7.13 35.07
C PHE B 296 17.98 8.11 36.15
N ASN B 297 17.34 7.60 37.21
CA ASN B 297 16.81 8.42 38.33
C ASN B 297 17.94 9.16 39.05
N LYS B 298 19.00 8.44 39.44
CA LYS B 298 20.21 8.98 40.13
C LYS B 298 20.84 10.08 39.27
N TRP B 299 21.09 9.77 38.00
CA TRP B 299 21.64 10.70 36.97
C TRP B 299 20.80 11.97 36.86
N PHE B 300 19.48 11.82 36.70
CA PHE B 300 18.53 12.94 36.50
C PHE B 300 18.68 13.92 37.67
N LEU B 301 18.68 13.41 38.91
CA LEU B 301 18.80 14.25 40.13
C LEU B 301 20.19 14.88 40.22
N GLU B 302 21.27 14.11 40.00
CA GLU B 302 22.68 14.57 40.06
C GLU B 302 22.87 15.77 39.10
N GLU B 303 22.44 15.62 37.85
CA GLU B 303 22.53 16.65 36.79
C GLU B 303 21.76 17.91 37.20
N VAL B 304 20.49 17.77 37.62
CA VAL B 304 19.63 18.96 37.95
C VAL B 304 20.21 19.67 39.19
N SER B 305 20.81 18.95 40.14
CA SER B 305 21.40 19.54 41.37
C SER B 305 22.55 20.51 41.04
N LYS B 306 23.26 20.33 39.92
CA LYS B 306 24.37 21.23 39.46
C LYS B 306 23.85 22.47 38.72
N MET B 307 22.53 22.63 38.47
CA MET B 307 21.97 23.72 37.63
C MET B 307 21.41 24.83 38.54
N LYS B 308 20.94 25.93 37.97
CA LYS B 308 20.31 27.08 38.70
C LYS B 308 19.08 26.60 39.47
N HIS C 7 -13.62 -33.46 -31.74
CA HIS C 7 -12.97 -32.34 -32.48
C HIS C 7 -13.41 -30.95 -31.96
N THR C 8 -13.91 -30.82 -30.71
CA THR C 8 -14.48 -29.56 -30.15
C THR C 8 -13.58 -29.11 -29.00
N THR C 9 -13.43 -27.80 -28.83
CA THR C 9 -12.70 -27.20 -27.69
C THR C 9 -13.67 -27.14 -26.51
N LYS C 10 -13.26 -27.73 -25.38
CA LYS C 10 -14.08 -27.75 -24.16
C LYS C 10 -13.89 -26.38 -23.49
N ILE C 11 -14.97 -25.68 -23.20
CA ILE C 11 -14.89 -24.35 -22.51
C ILE C 11 -15.85 -24.31 -21.33
N ILE C 12 -15.45 -23.50 -20.33
CA ILE C 12 -16.27 -23.20 -19.15
C ILE C 12 -16.28 -21.67 -19.03
N MET C 13 -17.46 -21.09 -18.87
CA MET C 13 -17.62 -19.62 -18.78
C MET C 13 -18.03 -19.30 -17.35
N ASP C 14 -17.35 -18.31 -16.77
CA ASP C 14 -17.71 -17.74 -15.44
C ASP C 14 -18.15 -16.31 -15.72
N THR C 15 -19.37 -15.95 -15.35
CA THR C 15 -20.11 -14.79 -15.93
C THR C 15 -20.89 -14.02 -14.88
N ASP C 16 -21.23 -12.77 -15.20
CA ASP C 16 -22.14 -11.94 -14.37
C ASP C 16 -23.16 -11.27 -15.29
N PRO C 17 -23.98 -12.05 -16.04
CA PRO C 17 -24.84 -11.43 -17.08
C PRO C 17 -25.85 -10.48 -16.43
N GLY C 18 -25.99 -9.25 -16.94
CA GLY C 18 -25.11 -8.56 -17.88
C GLY C 18 -25.38 -8.85 -19.37
N ILE C 19 -25.64 -7.79 -20.15
CA ILE C 19 -25.87 -7.82 -21.63
C ILE C 19 -24.60 -8.33 -22.35
N ASP C 20 -23.42 -7.88 -21.94
CA ASP C 20 -22.16 -8.31 -22.59
C ASP C 20 -21.96 -9.80 -22.43
N ASP C 21 -22.24 -10.33 -21.26
CA ASP C 21 -22.08 -11.79 -21.01
C ASP C 21 -23.13 -12.55 -21.85
N ALA C 22 -24.33 -12.01 -21.99
CA ALA C 22 -25.41 -12.61 -22.85
C ALA C 22 -24.91 -12.80 -24.29
N ALA C 23 -24.23 -11.78 -24.85
CA ALA C 23 -23.69 -11.87 -26.23
C ALA C 23 -22.58 -12.91 -26.28
N ALA C 24 -21.67 -12.95 -25.28
CA ALA C 24 -20.61 -13.98 -25.17
C ALA C 24 -21.21 -15.39 -25.12
N LEU C 25 -22.16 -15.60 -24.21
CA LEU C 25 -22.84 -16.91 -24.04
C LEU C 25 -23.52 -17.31 -25.35
N THR C 26 -24.18 -16.36 -26.02
CA THR C 26 -24.85 -16.64 -27.31
C THR C 26 -23.86 -17.26 -28.32
N MET C 27 -22.69 -16.64 -28.49
CA MET C 27 -21.70 -17.11 -29.51
C MET C 27 -21.12 -18.46 -29.06
N ALA C 28 -20.84 -18.63 -27.77
CA ALA C 28 -20.22 -19.84 -27.22
C ALA C 28 -21.18 -21.03 -27.34
N ILE C 29 -22.45 -20.85 -26.99
CA ILE C 29 -23.49 -21.91 -27.03
C ILE C 29 -23.64 -22.43 -28.48
N ASN C 30 -23.58 -21.55 -29.47
CA ASN C 30 -24.03 -21.81 -30.86
C ASN C 30 -22.88 -22.19 -31.80
N ASP C 31 -21.61 -21.92 -31.46
CA ASP C 31 -20.48 -22.26 -32.34
C ASP C 31 -20.25 -23.76 -32.27
N PRO C 32 -20.28 -24.50 -33.42
CA PRO C 32 -20.11 -25.96 -33.37
C PRO C 32 -18.71 -26.48 -33.02
N SER C 33 -17.65 -25.65 -33.05
CA SER C 33 -16.27 -26.01 -32.63
C SER C 33 -16.09 -25.87 -31.11
N LEU C 34 -17.06 -25.30 -30.40
CA LEU C 34 -17.02 -25.10 -28.94
C LEU C 34 -18.00 -26.06 -28.30
N ASP C 35 -17.57 -26.64 -27.19
CA ASP C 35 -18.44 -27.43 -26.27
C ASP C 35 -18.42 -26.71 -24.90
N LEU C 36 -19.47 -25.93 -24.63
CA LEU C 36 -19.65 -25.19 -23.36
C LEU C 36 -20.17 -26.19 -22.34
N LYS C 37 -19.30 -26.63 -21.42
CA LYS C 37 -19.63 -27.70 -20.45
C LYS C 37 -20.44 -27.16 -19.26
N LEU C 38 -20.22 -25.90 -18.89
CA LEU C 38 -20.75 -25.33 -17.61
C LEU C 38 -20.68 -23.81 -17.70
N VAL C 39 -21.68 -23.18 -17.11
CA VAL C 39 -21.70 -21.72 -16.89
C VAL C 39 -21.76 -21.51 -15.39
N THR C 40 -20.81 -20.73 -14.86
CA THR C 40 -20.89 -20.26 -13.47
C THR C 40 -21.17 -18.79 -13.46
N THR C 41 -21.66 -18.32 -12.34
CA THR C 41 -21.99 -16.91 -12.12
C THR C 41 -21.32 -16.37 -10.85
N VAL C 42 -21.13 -15.08 -10.88
CA VAL C 42 -20.61 -14.25 -9.77
C VAL C 42 -21.53 -13.03 -9.71
N ALA C 43 -21.64 -12.45 -8.54
CA ALA C 43 -22.24 -11.13 -8.30
C ALA C 43 -21.45 -10.06 -9.07
N GLY C 44 -22.15 -9.06 -9.61
CA GLY C 44 -21.52 -7.83 -10.12
C GLY C 44 -22.46 -6.66 -9.91
N ASN C 45 -22.89 -6.00 -10.97
CA ASN C 45 -23.80 -4.84 -10.89
C ASN C 45 -25.13 -5.27 -10.26
N VAL C 46 -25.51 -6.52 -10.47
CA VAL C 46 -26.59 -7.19 -9.70
C VAL C 46 -26.02 -8.35 -8.90
N THR C 47 -26.76 -8.74 -7.88
CA THR C 47 -26.42 -9.85 -6.96
C THR C 47 -26.36 -11.19 -7.71
N ALA C 48 -25.67 -12.15 -7.11
CA ALA C 48 -25.43 -13.51 -7.69
C ALA C 48 -26.77 -14.21 -8.01
N ASP C 49 -27.82 -14.02 -7.20
CA ASP C 49 -29.16 -14.62 -7.52
C ASP C 49 -29.65 -14.10 -8.88
N LYS C 50 -29.43 -12.83 -9.19
CA LYS C 50 -29.89 -12.19 -10.45
C LYS C 50 -29.00 -12.61 -11.64
N THR C 51 -27.68 -12.62 -11.48
CA THR C 51 -26.76 -13.06 -12.56
C THR C 51 -27.03 -14.54 -12.86
N THR C 52 -27.31 -15.36 -11.85
CA THR C 52 -27.66 -16.79 -12.05
C THR C 52 -28.95 -16.90 -12.94
N ALA C 53 -29.99 -16.21 -12.55
CA ALA C 53 -31.28 -16.13 -13.31
C ALA C 53 -31.02 -15.71 -14.78
N ASN C 54 -30.16 -14.73 -14.99
CA ASN C 54 -29.81 -14.18 -16.33
C ASN C 54 -29.10 -15.23 -17.18
N ALA C 55 -28.13 -15.96 -16.64
CA ALA C 55 -27.43 -17.04 -17.37
C ALA C 55 -28.45 -18.13 -17.76
N LEU C 56 -29.33 -18.52 -16.85
CA LEU C 56 -30.39 -19.55 -17.10
C LEU C 56 -31.32 -19.08 -18.22
N LYS C 57 -31.66 -17.79 -18.25
CA LYS C 57 -32.52 -17.20 -19.33
C LYS C 57 -31.90 -17.39 -20.71
N ILE C 58 -30.60 -17.14 -20.84
CA ILE C 58 -29.88 -17.26 -22.14
C ILE C 58 -29.80 -18.74 -22.55
N ILE C 59 -29.41 -19.63 -21.62
CA ILE C 59 -29.30 -21.08 -21.93
C ILE C 59 -30.68 -21.62 -22.34
N HIS C 60 -31.73 -21.27 -21.59
CA HIS C 60 -33.14 -21.71 -21.85
C HIS C 60 -33.61 -21.16 -23.21
N PHE C 61 -33.24 -19.92 -23.60
CA PHE C 61 -33.57 -19.35 -24.93
C PHE C 61 -33.09 -20.27 -26.07
N PHE C 62 -31.91 -20.90 -25.96
CA PHE C 62 -31.34 -21.84 -26.97
C PHE C 62 -31.80 -23.30 -26.72
N GLY C 63 -32.61 -23.60 -25.71
CA GLY C 63 -33.09 -24.96 -25.38
C GLY C 63 -32.00 -25.96 -24.99
N LYS C 64 -30.85 -25.54 -24.46
CA LYS C 64 -29.68 -26.44 -24.20
C LYS C 64 -29.68 -26.96 -22.77
N ASP C 65 -28.95 -28.07 -22.55
CA ASP C 65 -28.86 -28.78 -21.24
C ASP C 65 -27.81 -28.12 -20.31
N ILE C 66 -27.23 -26.93 -20.62
CA ILE C 66 -25.91 -26.53 -20.07
C ILE C 66 -26.12 -26.14 -18.62
N PRO C 67 -25.45 -26.82 -17.66
CA PRO C 67 -25.68 -26.55 -16.25
C PRO C 67 -25.17 -25.16 -15.85
N VAL C 68 -25.87 -24.53 -14.92
CA VAL C 68 -25.50 -23.23 -14.31
C VAL C 68 -25.24 -23.48 -12.82
N ALA C 69 -24.14 -22.98 -12.29
CA ALA C 69 -23.85 -23.02 -10.81
C ALA C 69 -23.61 -21.59 -10.34
N ALA C 70 -24.37 -21.17 -9.34
CA ALA C 70 -24.30 -19.83 -8.71
C ALA C 70 -23.00 -19.78 -7.87
N GLY C 71 -22.26 -18.66 -7.95
CA GLY C 71 -21.00 -18.51 -7.19
C GLY C 71 -21.02 -17.34 -6.27
N ALA C 72 -19.85 -16.71 -6.11
CA ALA C 72 -19.58 -15.82 -4.97
C ALA C 72 -20.52 -14.62 -4.97
N LYS C 73 -21.06 -14.28 -3.83
CA LYS C 73 -22.03 -13.15 -3.63
C LYS C 73 -21.34 -11.81 -3.46
N GLN C 74 -20.05 -11.78 -3.19
CA GLN C 74 -19.28 -10.58 -2.81
C GLN C 74 -17.82 -10.76 -3.24
N PRO C 75 -17.07 -9.66 -3.40
CA PRO C 75 -15.63 -9.74 -3.64
C PRO C 75 -14.90 -10.26 -2.39
N LEU C 76 -13.71 -10.80 -2.60
CA LEU C 76 -12.93 -11.38 -1.47
C LEU C 76 -12.74 -10.34 -0.34
N ILE C 77 -12.28 -9.14 -0.69
CA ILE C 77 -11.73 -8.13 0.24
C ILE C 77 -12.34 -6.77 -0.01
N LYS C 78 -12.37 -6.27 -1.25
CA LYS C 78 -12.77 -4.90 -1.54
C LYS C 78 -14.29 -4.83 -1.42
N PRO C 79 -14.86 -4.02 -0.50
CA PRO C 79 -16.33 -3.94 -0.39
C PRO C 79 -16.94 -3.46 -1.72
N PHE C 80 -17.97 -4.14 -2.18
CA PHE C 80 -18.59 -3.82 -3.48
C PHE C 80 -19.22 -2.41 -3.37
N GLU C 81 -18.86 -1.54 -4.31
CA GLU C 81 -19.27 -0.12 -4.35
C GLU C 81 -20.78 -0.06 -4.61
N ASP C 82 -21.55 0.41 -3.61
CA ASP C 82 -23.03 0.51 -3.63
C ASP C 82 -23.55 1.40 -4.78
N ALA C 83 -22.83 2.45 -5.14
CA ALA C 83 -23.11 3.30 -6.33
C ALA C 83 -23.04 2.49 -7.63
N ALA C 84 -22.29 1.37 -7.67
CA ALA C 84 -22.23 0.42 -8.83
C ALA C 84 -23.28 -0.69 -8.70
N ARG C 85 -24.07 -0.81 -7.60
CA ARG C 85 -25.12 -1.85 -7.44
C ARG C 85 -26.41 -1.30 -8.09
N ILE C 86 -26.96 -2.06 -9.02
CA ILE C 86 -28.26 -1.75 -9.69
C ILE C 86 -29.29 -2.51 -8.84
N HIS C 87 -30.24 -1.77 -8.26
CA HIS C 87 -31.27 -2.29 -7.31
C HIS C 87 -32.65 -2.43 -7.93
N GLY C 88 -33.47 -3.37 -7.40
CA GLY C 88 -34.83 -3.74 -7.87
C GLY C 88 -34.99 -3.90 -9.39
N GLU C 89 -33.95 -4.44 -10.07
CA GLU C 89 -33.77 -4.55 -11.55
C GLU C 89 -33.25 -5.96 -11.89
N SER C 90 -33.43 -6.43 -13.14
CA SER C 90 -32.89 -7.73 -13.63
C SER C 90 -31.35 -7.71 -13.70
N GLY C 91 -30.75 -6.58 -14.15
CA GLY C 91 -29.34 -6.46 -14.60
C GLY C 91 -29.11 -7.05 -15.99
N MET C 92 -30.16 -7.35 -16.77
CA MET C 92 -30.04 -7.77 -18.18
C MET C 92 -31.29 -7.31 -18.94
N PRO C 93 -31.57 -5.99 -19.04
CA PRO C 93 -32.84 -5.51 -19.60
C PRO C 93 -32.84 -5.54 -21.14
N GLY C 94 -34.07 -5.45 -21.71
CA GLY C 94 -34.33 -5.22 -23.15
C GLY C 94 -34.98 -6.40 -23.86
N TYR C 95 -35.18 -7.54 -23.20
CA TYR C 95 -35.90 -8.68 -23.75
C TYR C 95 -36.53 -9.47 -22.60
N ASP C 96 -37.79 -9.84 -22.78
CA ASP C 96 -38.51 -10.65 -21.78
C ASP C 96 -38.38 -12.07 -22.31
N PHE C 97 -37.70 -12.92 -21.54
CA PHE C 97 -37.52 -14.38 -21.76
C PHE C 97 -38.72 -15.19 -21.20
N GLY C 98 -39.65 -14.58 -20.45
CA GLY C 98 -40.68 -15.25 -19.63
C GLY C 98 -40.11 -15.78 -18.31
N ASP C 99 -40.86 -16.65 -17.62
CA ASP C 99 -40.45 -17.24 -16.30
C ASP C 99 -40.59 -18.75 -16.40
N ASP C 100 -39.76 -19.43 -17.20
CA ASP C 100 -39.69 -20.93 -17.30
C ASP C 100 -38.26 -21.42 -17.66
N TYR C 101 -37.26 -20.83 -17.02
CA TYR C 101 -35.83 -20.96 -17.44
C TYR C 101 -35.04 -21.99 -16.60
N GLY C 102 -35.65 -22.65 -15.61
CA GLY C 102 -35.01 -23.75 -14.85
C GLY C 102 -34.21 -23.24 -13.66
N LYS C 103 -33.40 -24.10 -13.07
CA LYS C 103 -32.79 -23.97 -11.72
C LYS C 103 -31.28 -24.15 -11.85
N PRO C 104 -30.44 -23.50 -10.99
CA PRO C 104 -29.00 -23.80 -10.98
C PRO C 104 -28.75 -25.17 -10.34
N LEU C 105 -27.55 -25.69 -10.51
CA LEU C 105 -27.04 -26.83 -9.71
C LEU C 105 -27.14 -26.50 -8.20
N ASP C 106 -27.25 -27.50 -7.34
CA ASP C 106 -27.22 -27.31 -5.85
C ASP C 106 -25.83 -26.85 -5.39
N LYS C 107 -24.77 -27.24 -6.11
CA LYS C 107 -23.40 -26.93 -5.65
C LYS C 107 -23.01 -25.51 -6.03
N THR C 108 -22.01 -24.99 -5.33
CA THR C 108 -21.40 -23.66 -5.63
C THR C 108 -20.71 -23.71 -7.00
N ALA C 109 -20.51 -22.55 -7.59
CA ALA C 109 -19.66 -22.37 -8.78
C ALA C 109 -18.30 -23.03 -8.56
N VAL C 110 -17.66 -22.81 -7.39
CA VAL C 110 -16.33 -23.41 -7.14
C VAL C 110 -16.41 -24.94 -7.28
N GLU C 111 -17.38 -25.58 -6.61
CA GLU C 111 -17.51 -27.06 -6.61
C GLU C 111 -17.83 -27.54 -8.03
N ALA C 112 -18.69 -26.83 -8.75
CA ALA C 112 -19.07 -27.19 -10.12
C ALA C 112 -17.86 -27.03 -11.05
N LEU C 113 -17.08 -25.94 -10.86
CA LEU C 113 -15.85 -25.73 -11.65
C LEU C 113 -14.87 -26.87 -11.42
N HIS C 114 -14.63 -27.22 -10.15
CA HIS C 114 -13.67 -28.30 -9.78
C HIS C 114 -14.08 -29.59 -10.51
N ASP C 115 -15.35 -29.98 -10.42
CA ASP C 115 -15.80 -31.28 -11.03
C ASP C 115 -15.69 -31.22 -12.56
N ALA C 116 -16.12 -30.11 -13.19
CA ALA C 116 -16.12 -29.98 -14.67
C ALA C 116 -14.70 -29.94 -15.22
N ILE C 117 -13.77 -29.27 -14.54
CA ILE C 117 -12.38 -29.18 -15.02
C ILE C 117 -11.67 -30.53 -14.87
N MET C 118 -11.80 -31.19 -13.70
CA MET C 118 -11.12 -32.49 -13.44
C MET C 118 -11.64 -33.58 -14.41
N ALA C 119 -12.87 -33.47 -14.91
CA ALA C 119 -13.45 -34.43 -15.91
C ALA C 119 -12.79 -34.30 -17.29
N GLU C 120 -12.03 -33.22 -17.61
CA GLU C 120 -11.44 -32.98 -18.96
C GLU C 120 -9.93 -33.05 -18.84
N ASP C 121 -9.26 -33.69 -19.79
CA ASP C 121 -7.76 -33.60 -19.89
C ASP C 121 -7.36 -32.13 -20.13
N GLU C 122 -8.14 -31.39 -20.92
CA GLU C 122 -7.84 -29.99 -21.32
C GLU C 122 -9.13 -29.20 -21.40
N VAL C 123 -9.15 -27.99 -20.82
CA VAL C 123 -10.30 -27.04 -20.94
C VAL C 123 -9.77 -25.61 -21.07
N ILE C 124 -10.55 -24.73 -21.66
CA ILE C 124 -10.31 -23.27 -21.64
C ILE C 124 -11.35 -22.65 -20.68
N LEU C 125 -10.86 -21.80 -19.77
CA LEU C 125 -11.69 -21.10 -18.76
C LEU C 125 -11.89 -19.69 -19.27
N VAL C 126 -13.11 -19.17 -19.24
CA VAL C 126 -13.47 -17.88 -19.88
C VAL C 126 -14.22 -17.05 -18.84
N PRO C 127 -13.49 -16.27 -18.00
CA PRO C 127 -14.11 -15.41 -16.98
C PRO C 127 -14.47 -14.05 -17.61
N THR C 128 -15.75 -13.70 -17.56
CA THR C 128 -16.32 -12.45 -18.12
C THR C 128 -16.91 -11.55 -17.04
N GLY C 129 -16.82 -11.93 -15.77
CA GLY C 129 -17.15 -11.05 -14.63
C GLY C 129 -15.89 -10.73 -13.89
N SER C 130 -16.05 -10.32 -12.64
CA SER C 130 -14.93 -10.32 -11.67
C SER C 130 -14.52 -11.78 -11.39
N TYR C 131 -13.32 -11.99 -10.88
CA TYR C 131 -12.60 -13.29 -10.89
C TYR C 131 -12.69 -14.03 -9.59
N THR C 132 -13.60 -13.66 -8.68
CA THR C 132 -13.78 -14.25 -7.33
C THR C 132 -13.83 -15.79 -7.37
N ASN C 133 -14.69 -16.39 -8.19
CA ASN C 133 -14.83 -17.86 -8.27
C ASN C 133 -13.52 -18.53 -8.67
N ILE C 134 -12.79 -17.92 -9.61
CA ILE C 134 -11.54 -18.51 -10.15
C ILE C 134 -10.47 -18.47 -9.04
N ALA C 135 -10.36 -17.36 -8.32
CA ALA C 135 -9.41 -17.23 -7.18
C ALA C 135 -9.73 -18.25 -6.09
N LEU C 136 -11.02 -18.40 -5.72
CA LEU C 136 -11.43 -19.41 -4.74
C LEU C 136 -11.08 -20.81 -5.21
N LEU C 137 -11.42 -21.11 -6.48
CA LEU C 137 -11.13 -22.43 -7.10
C LEU C 137 -9.64 -22.76 -7.01
N PHE C 138 -8.78 -21.85 -7.43
CA PHE C 138 -7.31 -22.11 -7.47
C PHE C 138 -6.72 -22.23 -6.07
N SER C 139 -7.32 -21.61 -5.07
CA SER C 139 -6.88 -21.68 -3.65
C SER C 139 -7.32 -23.02 -3.04
N GLU C 140 -8.59 -23.39 -3.21
CA GLU C 140 -9.15 -24.65 -2.62
C GLU C 140 -8.68 -25.89 -3.40
N TYR C 141 -8.53 -25.79 -4.72
CA TYR C 141 -8.24 -26.95 -5.63
C TYR C 141 -7.16 -26.56 -6.63
N PRO C 142 -5.91 -26.34 -6.18
CA PRO C 142 -4.83 -26.05 -7.12
C PRO C 142 -4.54 -27.18 -8.15
N GLU C 143 -4.98 -28.42 -7.87
CA GLU C 143 -4.93 -29.57 -8.82
C GLU C 143 -5.68 -29.28 -10.12
N VAL C 144 -6.63 -28.33 -10.18
CA VAL C 144 -7.33 -28.02 -11.48
C VAL C 144 -6.36 -27.41 -12.49
N LYS C 145 -5.27 -26.75 -12.07
CA LYS C 145 -4.49 -25.86 -12.98
C LYS C 145 -3.87 -26.64 -14.13
N SER C 146 -3.41 -27.88 -13.90
CA SER C 146 -2.80 -28.72 -14.95
C SER C 146 -3.83 -29.11 -16.02
N HIS C 147 -5.13 -29.06 -15.75
CA HIS C 147 -6.23 -29.34 -16.70
C HIS C 147 -6.61 -28.13 -17.54
N ILE C 148 -6.07 -26.93 -17.27
CA ILE C 148 -6.50 -25.69 -17.97
C ILE C 148 -5.42 -25.34 -18.97
N LYS C 149 -5.76 -25.40 -20.26
CA LYS C 149 -4.86 -24.96 -21.36
C LYS C 149 -4.64 -23.46 -21.29
N GLN C 150 -5.71 -22.68 -21.14
CA GLN C 150 -5.56 -21.21 -20.95
C GLN C 150 -6.80 -20.60 -20.33
N ILE C 151 -6.65 -19.39 -19.85
CA ILE C 151 -7.76 -18.50 -19.38
C ILE C 151 -7.86 -17.40 -20.43
N VAL C 152 -9.06 -17.16 -20.95
CA VAL C 152 -9.34 -16.03 -21.89
C VAL C 152 -10.28 -15.13 -21.11
N ALA C 153 -9.75 -14.07 -20.50
CA ALA C 153 -10.40 -13.23 -19.48
C ALA C 153 -10.82 -11.89 -20.09
N MET C 154 -12.08 -11.50 -19.88
CA MET C 154 -12.55 -10.12 -20.16
CA MET C 154 -12.52 -10.13 -20.17
C MET C 154 -12.15 -9.29 -18.94
N GLY C 155 -11.34 -8.27 -19.15
CA GLY C 155 -11.01 -7.31 -18.11
C GLY C 155 -9.65 -6.72 -18.24
N GLY C 156 -9.43 -5.66 -17.46
CA GLY C 156 -8.19 -4.89 -17.48
C GLY C 156 -8.17 -3.82 -18.54
N SER C 157 -7.14 -3.01 -18.47
CA SER C 157 -6.83 -1.98 -19.48
C SER C 157 -5.37 -1.60 -19.33
N PHE C 158 -4.70 -1.37 -20.43
CA PHE C 158 -3.33 -0.79 -20.49
C PHE C 158 -3.41 0.61 -21.12
N SER C 159 -4.59 1.19 -21.27
CA SER C 159 -4.72 2.52 -21.92
C SER C 159 -5.89 3.32 -21.37
N GLY C 160 -6.22 3.19 -20.10
CA GLY C 160 -7.35 3.98 -19.56
C GLY C 160 -8.46 3.08 -19.13
N GLY C 161 -8.94 3.31 -17.90
CA GLY C 161 -9.99 2.50 -17.28
C GLY C 161 -11.38 3.03 -17.52
N ASN C 162 -12.34 2.47 -16.84
CA ASN C 162 -13.76 2.90 -16.84
C ASN C 162 -14.28 3.12 -15.41
N MET C 163 -13.74 2.52 -14.35
CA MET C 163 -14.16 2.87 -12.97
C MET C 163 -13.37 4.07 -12.43
N THR C 164 -12.09 4.16 -12.75
CA THR C 164 -11.20 5.33 -12.63
C THR C 164 -10.42 5.42 -13.95
N SER C 165 -9.52 6.39 -14.09
CA SER C 165 -8.58 6.41 -15.25
C SER C 165 -7.65 5.17 -15.22
N ALA C 166 -7.41 4.59 -14.05
CA ALA C 166 -6.42 3.49 -13.87
C ALA C 166 -7.03 2.09 -14.02
N ALA C 167 -8.34 1.89 -13.81
CA ALA C 167 -8.93 0.54 -13.56
C ALA C 167 -10.20 0.27 -14.36
N GLU C 168 -10.31 -0.97 -14.79
CA GLU C 168 -11.47 -1.53 -15.51
C GLU C 168 -12.32 -2.25 -14.46
N PHE C 169 -13.63 -2.30 -14.69
CA PHE C 169 -14.66 -2.87 -13.78
C PHE C 169 -14.35 -4.27 -13.25
N ASN C 170 -14.15 -5.27 -14.08
CA ASN C 170 -14.00 -6.68 -13.64
C ASN C 170 -12.82 -6.85 -12.68
N VAL C 171 -11.72 -6.19 -12.95
CA VAL C 171 -10.50 -6.22 -12.09
C VAL C 171 -10.78 -5.36 -10.85
N PHE C 172 -11.27 -4.13 -11.06
CA PHE C 172 -11.61 -3.18 -9.97
C PHE C 172 -12.51 -3.81 -8.93
N THR C 173 -13.49 -4.59 -9.39
CA THR C 173 -14.51 -5.24 -8.53
C THR C 173 -13.86 -6.20 -7.52
N ASP C 174 -12.84 -6.96 -7.93
CA ASP C 174 -12.17 -7.89 -7.02
C ASP C 174 -10.68 -7.94 -7.40
N PRO C 175 -9.89 -6.95 -6.96
CA PRO C 175 -8.49 -6.88 -7.35
C PRO C 175 -7.68 -8.06 -6.79
N ASP C 176 -8.00 -8.48 -5.56
CA ASP C 176 -7.27 -9.58 -4.88
C ASP C 176 -7.50 -10.88 -5.63
N ALA C 177 -8.74 -11.16 -6.06
CA ALA C 177 -9.07 -12.35 -6.88
C ALA C 177 -8.27 -12.29 -8.19
N ALA C 178 -8.25 -11.13 -8.85
CA ALA C 178 -7.47 -10.92 -10.09
C ALA C 178 -5.98 -11.20 -9.83
N LYS C 179 -5.43 -10.77 -8.70
CA LYS C 179 -4.01 -11.02 -8.38
C LYS C 179 -3.75 -12.55 -8.26
N ILE C 180 -4.64 -13.24 -7.54
CA ILE C 180 -4.53 -14.72 -7.35
C ILE C 180 -4.52 -15.36 -8.77
N MET C 181 -5.44 -14.95 -9.63
CA MET C 181 -5.59 -15.52 -10.99
C MET C 181 -4.32 -15.23 -11.82
N TYR C 182 -3.86 -14.00 -11.83
CA TYR C 182 -2.69 -13.57 -12.63
C TYR C 182 -1.37 -14.16 -12.08
N ASN C 183 -1.29 -14.59 -10.83
CA ASN C 183 -0.08 -15.24 -10.26
C ASN C 183 -0.19 -16.76 -10.32
N ALA C 184 -1.25 -17.36 -10.86
CA ALA C 184 -1.53 -18.80 -10.68
C ALA C 184 -0.67 -19.69 -11.60
N GLY C 185 -0.04 -19.14 -12.64
CA GLY C 185 0.81 -19.88 -13.58
C GLY C 185 0.01 -20.57 -14.68
N VAL C 186 -1.29 -20.29 -14.80
CA VAL C 186 -2.09 -20.77 -15.97
C VAL C 186 -1.94 -19.67 -17.01
N PRO C 187 -1.66 -20.01 -18.29
CA PRO C 187 -1.60 -18.99 -19.35
C PRO C 187 -2.88 -18.16 -19.46
N ILE C 188 -2.73 -16.84 -19.56
CA ILE C 188 -3.88 -15.89 -19.65
C ILE C 188 -3.77 -15.20 -20.98
N VAL C 189 -4.94 -15.01 -21.62
CA VAL C 189 -5.14 -13.99 -22.65
C VAL C 189 -5.99 -12.88 -22.06
N THR C 190 -5.47 -11.67 -22.04
CA THR C 190 -6.14 -10.48 -21.49
C THR C 190 -6.90 -9.77 -22.60
N VAL C 191 -8.22 -9.82 -22.54
CA VAL C 191 -9.15 -9.11 -23.46
C VAL C 191 -9.67 -7.90 -22.67
N GLY C 192 -8.88 -6.82 -22.69
CA GLY C 192 -9.14 -5.59 -21.94
C GLY C 192 -9.76 -4.52 -22.80
N LEU C 193 -9.87 -3.33 -22.19
CA LEU C 193 -10.53 -2.17 -22.82
C LEU C 193 -9.71 -1.71 -24.04
N ASP C 194 -8.41 -1.99 -24.07
CA ASP C 194 -7.53 -1.71 -25.26
C ASP C 194 -8.16 -2.22 -26.58
N VAL C 195 -8.80 -3.40 -26.57
CA VAL C 195 -9.50 -3.96 -27.76
C VAL C 195 -11.01 -3.79 -27.65
N THR C 196 -11.62 -3.95 -26.45
CA THR C 196 -13.10 -3.98 -26.40
C THR C 196 -13.71 -2.61 -26.77
N LEU C 197 -13.04 -1.52 -26.43
CA LEU C 197 -13.50 -0.16 -26.83
C LEU C 197 -13.35 0.06 -28.35
N LYS C 198 -12.53 -0.70 -29.07
CA LYS C 198 -12.39 -0.69 -30.55
C LYS C 198 -13.40 -1.66 -31.19
N ALA C 199 -14.00 -2.60 -30.45
CA ALA C 199 -14.89 -3.66 -31.00
C ALA C 199 -16.30 -3.06 -31.14
N LEU C 200 -16.42 -2.09 -32.03
CA LEU C 200 -17.63 -1.22 -32.19
C LEU C 200 -18.55 -1.94 -33.18
N LEU C 201 -19.66 -2.42 -32.68
CA LEU C 201 -20.77 -2.98 -33.49
C LEU C 201 -21.46 -1.76 -34.15
N THR C 202 -21.38 -1.60 -35.47
CA THR C 202 -21.87 -0.41 -36.21
C THR C 202 -23.41 -0.34 -36.18
N ALA C 203 -23.95 0.86 -36.34
CA ALA C 203 -25.41 1.13 -36.56
C ALA C 203 -25.97 0.21 -37.66
N ASP C 204 -25.26 0.05 -38.79
CA ASP C 204 -25.65 -0.86 -39.92
C ASP C 204 -25.74 -2.30 -39.38
N THR C 205 -24.73 -2.77 -38.64
CA THR C 205 -24.75 -4.13 -38.03
C THR C 205 -25.96 -4.27 -37.10
N ILE C 206 -26.18 -3.31 -36.21
CA ILE C 206 -27.25 -3.42 -35.18
C ILE C 206 -28.64 -3.43 -35.87
N GLU C 207 -28.82 -2.62 -36.90
CA GLU C 207 -30.07 -2.64 -37.73
C GLU C 207 -30.28 -4.03 -38.35
N LYS C 208 -29.27 -4.58 -39.03
CA LYS C 208 -29.34 -5.92 -39.67
C LYS C 208 -29.60 -7.01 -38.62
N LEU C 209 -28.98 -6.90 -37.44
CA LEU C 209 -29.14 -7.88 -36.32
C LEU C 209 -30.61 -8.04 -35.91
N GLY C 210 -31.30 -6.94 -35.66
CA GLY C 210 -32.72 -6.90 -35.25
C GLY C 210 -33.71 -7.59 -36.20
N SER C 211 -33.40 -7.68 -37.51
CA SER C 211 -34.27 -8.29 -38.56
C SER C 211 -33.78 -9.69 -38.99
N LEU C 212 -32.76 -10.25 -38.34
CA LEU C 212 -32.02 -11.43 -38.85
C LEU C 212 -32.84 -12.70 -38.57
N ASN C 213 -33.34 -12.88 -37.35
CA ASN C 213 -33.96 -14.13 -36.83
C ASN C 213 -34.35 -13.91 -35.36
N LYS C 214 -34.75 -14.95 -34.61
CA LYS C 214 -35.19 -14.76 -33.19
C LYS C 214 -33.98 -14.35 -32.33
N THR C 215 -32.80 -14.94 -32.58
CA THR C 215 -31.58 -14.61 -31.80
C THR C 215 -31.18 -13.14 -32.04
N GLY C 216 -31.16 -12.72 -33.30
CA GLY C 216 -30.90 -11.32 -33.67
C GLY C 216 -31.83 -10.34 -33.02
N GLU C 217 -33.13 -10.66 -33.02
CA GLU C 217 -34.19 -9.87 -32.32
C GLU C 217 -33.87 -9.80 -30.82
N MET C 218 -33.52 -10.94 -30.18
CA MET C 218 -33.20 -10.97 -28.72
C MET C 218 -31.96 -10.10 -28.44
N LEU C 219 -30.90 -10.28 -29.21
CA LEU C 219 -29.61 -9.53 -29.01
C LEU C 219 -29.81 -8.04 -29.30
N HIS C 220 -30.56 -7.69 -30.35
CA HIS C 220 -30.94 -6.29 -30.66
C HIS C 220 -31.65 -5.67 -29.45
N GLY C 221 -32.58 -6.38 -28.84
CA GLY C 221 -33.33 -5.91 -27.65
C GLY C 221 -32.39 -5.55 -26.50
N LEU C 222 -31.45 -6.47 -26.16
CA LEU C 222 -30.44 -6.24 -25.09
C LEU C 222 -29.51 -5.07 -25.47
N ILE C 223 -28.96 -5.09 -26.68
CA ILE C 223 -27.89 -4.16 -27.18
C ILE C 223 -28.41 -2.72 -27.21
N THR C 224 -29.65 -2.50 -27.67
CA THR C 224 -30.25 -1.16 -27.90
C THR C 224 -31.07 -0.71 -26.68
N HIS C 225 -31.12 -1.45 -25.55
CA HIS C 225 -31.91 -1.01 -24.37
C HIS C 225 -31.40 0.37 -23.86
N TYR C 226 -30.09 0.57 -23.75
CA TYR C 226 -29.45 1.89 -23.44
C TYR C 226 -28.91 2.46 -24.77
N ASN C 227 -29.45 3.57 -25.30
CA ASN C 227 -29.34 4.03 -26.74
C ASN C 227 -30.72 4.53 -27.19
N GLY C 233 -24.26 2.75 -32.83
CA GLY C 233 -23.12 1.82 -32.66
C GLY C 233 -22.76 1.53 -31.18
N ARG C 234 -22.22 0.35 -30.82
CA ARG C 234 -22.03 -0.07 -29.38
C ARG C 234 -20.71 -0.83 -29.27
N PRO C 235 -19.79 -0.44 -28.36
CA PRO C 235 -18.61 -1.27 -28.05
C PRO C 235 -19.09 -2.56 -27.36
N MET C 236 -18.59 -3.71 -27.81
CA MET C 236 -18.88 -5.04 -27.22
C MET C 236 -17.65 -5.53 -26.44
N HIS C 237 -17.88 -6.05 -25.24
CA HIS C 237 -16.81 -6.41 -24.28
C HIS C 237 -16.62 -7.90 -24.32
N ASP C 238 -17.38 -8.61 -23.48
CA ASP C 238 -17.17 -10.02 -23.07
C ASP C 238 -17.16 -10.95 -24.29
N VAL C 239 -17.96 -10.66 -25.31
CA VAL C 239 -18.06 -11.50 -26.56
C VAL C 239 -16.68 -11.63 -27.24
N ASN C 240 -15.78 -10.69 -27.05
CA ASN C 240 -14.39 -10.73 -27.60
C ASN C 240 -13.56 -11.86 -27.04
N THR C 241 -13.89 -12.42 -25.87
CA THR C 241 -13.23 -13.67 -25.40
C THR C 241 -13.52 -14.80 -26.40
N ILE C 242 -14.77 -14.90 -26.86
CA ILE C 242 -15.19 -15.98 -27.79
C ILE C 242 -14.65 -15.68 -29.19
N PHE C 243 -14.66 -14.41 -29.60
CA PHE C 243 -14.07 -14.00 -30.90
C PHE C 243 -12.58 -14.30 -30.93
N TYR C 244 -11.87 -14.10 -29.80
CA TYR C 244 -10.44 -14.50 -29.68
C TYR C 244 -10.28 -16.02 -29.86
N LEU C 245 -11.07 -16.82 -29.15
CA LEU C 245 -10.97 -18.30 -29.27
C LEU C 245 -11.17 -18.76 -30.72
N LEU C 246 -12.08 -18.14 -31.47
CA LEU C 246 -12.46 -18.60 -32.83
C LEU C 246 -11.61 -17.95 -33.91
N HIS C 247 -11.16 -16.72 -33.72
CA HIS C 247 -10.47 -15.86 -34.72
C HIS C 247 -9.30 -15.13 -34.08
N PRO C 248 -8.27 -15.84 -33.53
CA PRO C 248 -7.10 -15.15 -32.98
C PRO C 248 -6.37 -14.25 -34.01
N GLU C 249 -6.46 -14.59 -35.32
CA GLU C 249 -5.90 -13.77 -36.44
C GLU C 249 -6.54 -12.39 -36.51
N ALA C 250 -7.72 -12.16 -35.95
CA ALA C 250 -8.36 -10.83 -35.86
C ALA C 250 -7.69 -9.90 -34.80
N PHE C 251 -6.73 -10.37 -34.00
CA PHE C 251 -6.16 -9.62 -32.85
C PHE C 251 -4.65 -9.41 -33.06
N THR C 252 -4.17 -8.28 -32.58
CA THR C 252 -2.73 -8.04 -32.29
C THR C 252 -2.53 -8.25 -30.79
N THR C 253 -1.56 -9.07 -30.42
CA THR C 253 -1.26 -9.37 -29.00
C THR C 253 0.19 -9.06 -28.67
N LYS C 254 0.48 -8.95 -27.37
CA LYS C 254 1.86 -8.82 -26.86
C LYS C 254 1.92 -9.59 -25.55
N ASP C 255 2.83 -10.56 -25.46
CA ASP C 255 3.10 -11.30 -24.20
C ASP C 255 3.80 -10.29 -23.28
N MET C 256 3.33 -10.15 -22.06
CA MET C 256 4.03 -9.29 -21.09
C MET C 256 3.74 -9.74 -19.65
N TRP C 257 4.45 -9.11 -18.74
CA TRP C 257 4.20 -9.27 -17.29
C TRP C 257 3.09 -8.29 -16.89
N VAL C 258 2.05 -8.80 -16.24
CA VAL C 258 0.93 -8.01 -15.71
C VAL C 258 0.89 -8.21 -14.19
N ASP C 259 0.93 -7.10 -13.46
CA ASP C 259 0.66 -7.04 -11.99
C ASP C 259 -0.73 -6.42 -11.78
N ILE C 260 -1.39 -6.82 -10.70
CA ILE C 260 -2.67 -6.23 -10.25
C ILE C 260 -2.38 -5.32 -9.05
N GLN C 261 -2.78 -4.06 -9.14
CA GLN C 261 -2.74 -3.11 -7.99
C GLN C 261 -3.96 -3.43 -7.12
N THR C 262 -3.76 -3.71 -5.83
CA THR C 262 -4.87 -4.15 -4.94
C THR C 262 -5.18 -3.12 -3.83
N ASP C 263 -4.54 -1.96 -3.82
CA ASP C 263 -4.87 -0.88 -2.85
C ASP C 263 -4.46 0.48 -3.40
N GLY C 264 -4.71 1.53 -2.62
CA GLY C 264 -4.41 2.90 -2.99
C GLY C 264 -5.35 3.41 -4.10
N PRO C 265 -5.09 4.62 -4.62
CA PRO C 265 -5.98 5.24 -5.57
C PRO C 265 -6.07 4.47 -6.92
N ALA C 266 -4.99 3.78 -7.32
CA ALA C 266 -4.91 2.96 -8.54
C ALA C 266 -5.45 1.55 -8.33
N ILE C 267 -6.13 1.26 -7.20
CA ILE C 267 -6.83 -0.03 -6.97
C ILE C 267 -7.56 -0.53 -8.22
N GLY C 268 -7.29 -1.78 -8.61
CA GLY C 268 -7.90 -2.42 -9.79
C GLY C 268 -7.11 -2.23 -11.06
N ALA C 269 -6.00 -1.53 -11.05
CA ALA C 269 -5.14 -1.37 -12.25
C ALA C 269 -4.50 -2.70 -12.65
N THR C 270 -4.55 -3.02 -13.93
CA THR C 270 -3.70 -4.06 -14.57
C THR C 270 -2.46 -3.33 -15.06
N VAL C 271 -1.35 -3.54 -14.38
CA VAL C 271 -0.07 -2.84 -14.75
C VAL C 271 0.77 -3.75 -15.61
N GLY C 272 0.89 -3.39 -16.86
CA GLY C 272 1.71 -4.07 -17.88
C GLY C 272 3.12 -3.53 -17.79
N ASP C 273 4.11 -4.42 -17.69
CA ASP C 273 5.55 -4.04 -17.77
C ASP C 273 5.82 -3.93 -19.29
N ILE C 274 5.38 -2.82 -19.88
CA ILE C 274 5.39 -2.59 -21.36
C ILE C 274 6.84 -2.51 -21.86
N ARG C 275 7.78 -2.08 -21.02
CA ARG C 275 9.24 -2.02 -21.34
C ARG C 275 9.95 -3.35 -21.06
N ALA C 276 9.32 -4.33 -20.39
CA ALA C 276 9.95 -5.56 -19.87
C ALA C 276 11.21 -5.19 -19.05
N ALA C 277 11.09 -4.18 -18.20
CA ALA C 277 12.22 -3.60 -17.41
C ALA C 277 12.35 -4.28 -16.05
N TYR C 278 11.28 -4.87 -15.51
CA TYR C 278 11.19 -5.17 -14.06
C TYR C 278 11.06 -6.66 -13.78
N HIS C 279 10.87 -7.57 -14.76
CA HIS C 279 10.49 -8.97 -14.47
C HIS C 279 11.45 -10.01 -15.09
N ASP C 280 12.69 -9.61 -15.41
CA ASP C 280 13.72 -10.52 -16.00
C ASP C 280 13.21 -11.18 -17.28
N GLY C 281 12.36 -10.51 -18.08
CA GLY C 281 11.82 -11.04 -19.34
C GLY C 281 10.64 -12.00 -19.16
N LYS C 282 10.17 -12.28 -17.94
CA LYS C 282 9.06 -13.23 -17.69
C LYS C 282 7.73 -12.59 -18.11
N THR C 283 6.80 -13.43 -18.53
CA THR C 283 5.44 -13.03 -18.94
C THR C 283 4.45 -13.94 -18.24
N ASN C 284 3.25 -13.42 -17.97
CA ASN C 284 2.11 -14.20 -17.46
C ASN C 284 0.82 -13.94 -18.27
N ALA C 285 0.82 -13.07 -19.27
CA ALA C 285 -0.39 -12.75 -20.04
C ALA C 285 -0.05 -12.40 -21.46
N LYS C 286 -0.93 -12.85 -22.36
CA LYS C 286 -0.97 -12.39 -23.76
C LYS C 286 -2.00 -11.29 -23.83
N VAL C 287 -1.55 -10.05 -23.96
CA VAL C 287 -2.43 -8.86 -23.87
C VAL C 287 -2.93 -8.55 -25.27
N CYS C 288 -4.25 -8.39 -25.40
CA CYS C 288 -4.88 -7.96 -26.69
C CYS C 288 -4.74 -6.45 -26.81
N LEU C 289 -4.04 -5.97 -27.85
CA LEU C 289 -3.78 -4.52 -28.09
C LEU C 289 -4.57 -3.98 -29.29
N ASP C 290 -4.95 -4.80 -30.25
CA ASP C 290 -5.72 -4.29 -31.41
C ASP C 290 -6.58 -5.41 -31.95
N ILE C 291 -7.60 -4.98 -32.69
CA ILE C 291 -8.67 -5.85 -33.22
C ILE C 291 -9.04 -5.35 -34.62
N ASP C 292 -9.36 -6.27 -35.52
CA ASP C 292 -9.98 -5.99 -36.82
C ASP C 292 -11.48 -5.79 -36.57
N ALA C 293 -11.91 -4.55 -36.37
CA ALA C 293 -13.33 -4.18 -36.08
C ALA C 293 -14.24 -4.50 -37.27
N GLU C 294 -13.76 -4.34 -38.50
CA GLU C 294 -14.52 -4.70 -39.75
C GLU C 294 -14.85 -6.20 -39.71
N TYR C 295 -13.86 -7.06 -39.45
CA TYR C 295 -14.06 -8.52 -39.37
C TYR C 295 -14.97 -8.89 -38.18
N PHE C 296 -14.78 -8.24 -37.03
CA PHE C 296 -15.65 -8.44 -35.83
C PHE C 296 -17.14 -8.26 -36.23
N ASN C 297 -17.45 -7.19 -36.96
CA ASN C 297 -18.84 -6.89 -37.44
C ASN C 297 -19.37 -7.99 -38.37
N LYS C 298 -18.58 -8.34 -39.40
CA LYS C 298 -18.90 -9.40 -40.41
C LYS C 298 -19.15 -10.72 -39.68
N TRP C 299 -18.23 -11.10 -38.81
CA TRP C 299 -18.28 -12.32 -37.97
C TRP C 299 -19.55 -12.34 -37.12
N PHE C 300 -19.83 -11.26 -36.40
CA PHE C 300 -20.98 -11.15 -35.49
C PHE C 300 -22.27 -11.48 -36.26
N LEU C 301 -22.45 -10.87 -37.44
CA LEU C 301 -23.66 -11.08 -38.29
C LEU C 301 -23.69 -12.51 -38.84
N GLU C 302 -22.57 -13.01 -39.38
CA GLU C 302 -22.41 -14.38 -39.97
C GLU C 302 -22.82 -15.43 -38.91
N GLU C 303 -22.29 -15.32 -37.69
CA GLU C 303 -22.57 -16.25 -36.57
C GLU C 303 -24.04 -16.21 -36.19
N VAL C 304 -24.62 -15.03 -35.97
CA VAL C 304 -26.05 -14.92 -35.54
C VAL C 304 -26.97 -15.43 -36.68
N SER C 305 -26.60 -15.25 -37.95
CA SER C 305 -27.40 -15.75 -39.12
C SER C 305 -27.56 -17.28 -39.08
N LYS C 306 -26.59 -18.03 -38.52
CA LYS C 306 -26.62 -19.51 -38.37
C LYS C 306 -27.42 -19.97 -37.14
N MET C 307 -27.98 -19.08 -36.30
CA MET C 307 -28.69 -19.46 -35.04
C MET C 307 -30.21 -19.43 -35.28
N LYS C 308 -31.01 -19.80 -34.28
CA LYS C 308 -32.50 -19.71 -34.29
C LYS C 308 -32.97 -18.26 -34.51
N HIS D 7 -0.37 43.21 -20.91
CA HIS D 7 0.17 42.56 -19.67
C HIS D 7 1.17 41.47 -20.06
N THR D 8 2.21 41.28 -19.25
CA THR D 8 3.12 40.11 -19.33
C THR D 8 2.87 39.18 -18.14
N THR D 9 2.83 37.87 -18.40
CA THR D 9 2.63 36.83 -17.36
C THR D 9 4.00 36.47 -16.80
N LYS D 10 4.15 36.57 -15.47
CA LYS D 10 5.42 36.20 -14.79
C LYS D 10 5.40 34.66 -14.68
N ILE D 11 6.42 33.99 -15.18
CA ILE D 11 6.53 32.50 -15.07
C ILE D 11 7.89 32.11 -14.50
N ILE D 12 7.89 30.96 -13.81
CA ILE D 12 9.11 30.32 -13.30
C ILE D 12 9.04 28.85 -13.78
N MET D 13 10.12 28.35 -14.35
CA MET D 13 10.16 27.01 -14.96
C MET D 13 11.11 26.17 -14.13
N ASP D 14 10.64 24.97 -13.75
CA ASP D 14 11.48 23.97 -13.05
C ASP D 14 11.64 22.80 -14.02
N THR D 15 12.87 22.46 -14.39
CA THR D 15 13.19 21.69 -15.62
C THR D 15 14.26 20.63 -15.37
N ASP D 16 14.35 19.68 -16.29
CA ASP D 16 15.46 18.69 -16.31
C ASP D 16 15.91 18.56 -17.77
N PRO D 17 16.40 19.64 -18.42
CA PRO D 17 16.69 19.58 -19.86
C PRO D 17 17.82 18.58 -20.14
N GLY D 18 17.64 17.64 -21.07
CA GLY D 18 16.41 17.26 -21.75
C GLY D 18 16.03 18.11 -22.98
N ILE D 19 15.89 17.44 -24.13
CA ILE D 19 15.46 18.04 -25.45
C ILE D 19 14.07 18.67 -25.31
N ASP D 20 13.14 18.01 -24.64
CA ASP D 20 11.77 18.54 -24.49
C ASP D 20 11.77 19.83 -23.71
N ASP D 21 12.53 19.89 -22.64
CA ASP D 21 12.62 21.12 -21.80
C ASP D 21 13.28 22.24 -22.64
N ALA D 22 14.28 21.90 -23.47
CA ALA D 22 14.91 22.89 -24.41
C ALA D 22 13.86 23.57 -25.28
N ALA D 23 12.93 22.82 -25.87
CA ALA D 23 11.85 23.38 -26.71
C ALA D 23 10.90 24.25 -25.89
N ALA D 24 10.52 23.82 -24.68
CA ALA D 24 9.70 24.60 -23.72
C ALA D 24 10.39 25.94 -23.38
N LEU D 25 11.65 25.86 -23.00
CA LEU D 25 12.45 27.06 -22.62
C LEU D 25 12.54 28.01 -23.83
N THR D 26 12.77 27.47 -25.02
CA THR D 26 12.87 28.28 -26.26
C THR D 26 11.60 29.14 -26.43
N MET D 27 10.42 28.54 -26.29
CA MET D 27 9.15 29.26 -26.52
C MET D 27 8.91 30.29 -25.41
N ALA D 28 9.21 29.91 -24.17
CA ALA D 28 9.01 30.75 -22.96
C ALA D 28 9.91 32.00 -23.03
N ILE D 29 11.18 31.80 -23.38
CA ILE D 29 12.21 32.89 -23.44
C ILE D 29 11.77 33.93 -24.48
N ASN D 30 11.25 33.49 -25.62
CA ASN D 30 11.08 34.34 -26.83
C ASN D 30 9.67 34.91 -26.95
N ASP D 31 8.64 34.38 -26.28
CA ASP D 31 7.27 34.95 -26.41
C ASP D 31 7.20 36.25 -25.61
N PRO D 32 6.84 37.40 -26.23
CA PRO D 32 6.82 38.69 -25.53
C PRO D 32 5.71 38.87 -24.48
N SER D 33 4.67 38.03 -24.43
CA SER D 33 3.64 38.03 -23.35
C SER D 33 4.13 37.30 -22.09
N LEU D 34 5.27 36.58 -22.13
CA LEU D 34 5.81 35.83 -20.97
C LEU D 34 7.07 36.52 -20.48
N ASP D 35 7.20 36.64 -19.16
CA ASP D 35 8.42 37.10 -18.48
C ASP D 35 8.93 35.94 -17.59
N LEU D 36 9.95 35.24 -18.08
CA LEU D 36 10.58 34.09 -17.40
C LEU D 36 11.57 34.63 -16.36
N LYS D 37 11.21 34.57 -15.09
CA LYS D 37 11.96 35.21 -13.98
C LYS D 37 13.14 34.35 -13.53
N LEU D 38 13.03 33.03 -13.67
CA LEU D 38 13.99 32.06 -13.10
C LEU D 38 13.76 30.70 -13.76
N VAL D 39 14.85 29.96 -13.94
CA VAL D 39 14.82 28.53 -14.31
C VAL D 39 15.49 27.77 -13.21
N THR D 40 14.79 26.76 -12.69
CA THR D 40 15.41 25.81 -11.75
C THR D 40 15.54 24.48 -12.43
N THR D 41 16.44 23.67 -11.90
CA THR D 41 16.69 22.32 -12.43
C THR D 41 16.59 21.27 -11.32
N VAL D 42 16.27 20.07 -11.78
CA VAL D 42 16.25 18.83 -10.97
C VAL D 42 17.02 17.79 -11.78
N ALA D 43 17.56 16.82 -11.07
CA ALA D 43 18.13 15.58 -11.64
C ALA D 43 17.03 14.79 -12.34
N GLY D 44 17.37 14.14 -13.44
CA GLY D 44 16.50 13.10 -14.00
C GLY D 44 17.36 12.10 -14.74
N ASN D 45 17.20 12.01 -16.06
CA ASN D 45 17.94 11.08 -16.95
C ASN D 45 19.45 11.32 -16.78
N VAL D 46 19.83 12.59 -16.60
CA VAL D 46 21.20 12.99 -16.16
C VAL D 46 21.12 13.73 -14.83
N THR D 47 22.28 13.92 -14.22
CA THR D 47 22.49 14.53 -12.88
C THR D 47 22.02 15.99 -12.92
N ALA D 48 21.73 16.57 -11.75
CA ALA D 48 21.36 17.99 -11.58
C ALA D 48 22.47 18.92 -12.16
N ASP D 49 23.74 18.57 -11.99
CA ASP D 49 24.89 19.33 -12.60
C ASP D 49 24.70 19.42 -14.12
N LYS D 50 24.28 18.35 -14.77
CA LYS D 50 24.11 18.30 -16.25
C LYS D 50 22.83 19.01 -16.69
N THR D 51 21.69 18.81 -16.00
CA THR D 51 20.45 19.54 -16.34
C THR D 51 20.67 21.03 -16.13
N THR D 52 21.44 21.45 -15.12
CA THR D 52 21.78 22.88 -14.87
C THR D 52 22.57 23.45 -16.08
N ALA D 53 23.62 22.75 -16.49
CA ALA D 53 24.44 23.12 -17.67
C ALA D 53 23.55 23.24 -18.93
N ASN D 54 22.60 22.32 -19.11
CA ASN D 54 21.69 22.31 -20.28
C ASN D 54 20.76 23.51 -20.27
N ALA D 55 20.19 23.87 -19.13
CA ALA D 55 19.31 25.07 -19.01
C ALA D 55 20.15 26.33 -19.36
N LEU D 56 21.36 26.44 -18.81
CA LEU D 56 22.27 27.60 -19.03
C LEU D 56 22.63 27.69 -20.54
N LYS D 57 22.86 26.55 -21.20
CA LYS D 57 23.14 26.51 -22.66
C LYS D 57 22.01 27.14 -23.47
N ILE D 58 20.77 26.83 -23.17
CA ILE D 58 19.58 27.35 -23.90
C ILE D 58 19.44 28.85 -23.62
N ILE D 59 19.51 29.28 -22.36
CA ILE D 59 19.37 30.70 -21.97
C ILE D 59 20.47 31.52 -22.68
N HIS D 60 21.71 31.05 -22.61
CA HIS D 60 22.88 31.70 -23.27
C HIS D 60 22.72 31.74 -24.79
N PHE D 61 22.18 30.69 -25.42
CA PHE D 61 21.89 30.66 -26.89
C PHE D 61 21.06 31.89 -27.32
N PHE D 62 20.08 32.33 -26.52
CA PHE D 62 19.24 33.54 -26.80
C PHE D 62 19.85 34.84 -26.24
N GLY D 63 21.08 34.83 -25.71
CA GLY D 63 21.78 36.01 -25.16
C GLY D 63 21.11 36.58 -23.92
N LYS D 64 20.39 35.78 -23.11
CA LYS D 64 19.66 36.23 -21.90
C LYS D 64 20.52 35.90 -20.69
N ASP D 65 20.29 36.64 -19.59
CA ASP D 65 20.93 36.39 -18.26
C ASP D 65 19.85 35.98 -17.24
N ILE D 66 18.87 35.18 -17.69
CA ILE D 66 17.82 34.58 -16.81
C ILE D 66 18.55 33.66 -15.84
N PRO D 67 18.41 33.87 -14.51
CA PRO D 67 19.16 33.07 -13.54
C PRO D 67 18.72 31.60 -13.55
N VAL D 68 19.68 30.71 -13.33
CA VAL D 68 19.47 29.26 -13.15
C VAL D 68 19.87 28.90 -11.72
N ALA D 69 19.05 28.12 -11.02
CA ALA D 69 19.39 27.54 -9.71
C ALA D 69 19.27 26.01 -9.79
N ALA D 70 20.35 25.31 -9.47
CA ALA D 70 20.47 23.84 -9.43
C ALA D 70 19.64 23.35 -8.23
N GLY D 71 18.84 22.31 -8.42
CA GLY D 71 18.00 21.75 -7.32
C GLY D 71 18.33 20.32 -7.00
N ALA D 72 17.29 19.56 -6.66
CA ALA D 72 17.42 18.28 -5.96
C ALA D 72 18.20 17.29 -6.82
N LYS D 73 19.11 16.55 -6.21
CA LYS D 73 19.98 15.56 -6.91
C LYS D 73 19.31 14.19 -7.02
N GLN D 74 18.19 13.97 -6.31
CA GLN D 74 17.56 12.63 -6.17
C GLN D 74 16.08 12.84 -5.84
N PRO D 75 15.23 11.83 -6.13
CA PRO D 75 13.85 11.85 -5.67
C PRO D 75 13.78 11.80 -4.14
N LEU D 76 12.63 12.24 -3.60
CA LEU D 76 12.44 12.26 -2.14
C LEU D 76 12.68 10.84 -1.56
N ILE D 77 12.02 9.82 -2.12
CA ILE D 77 11.87 8.48 -1.50
C ILE D 77 12.26 7.39 -2.52
N LYS D 78 11.70 7.42 -3.73
CA LYS D 78 11.80 6.31 -4.69
C LYS D 78 13.24 6.31 -5.24
N PRO D 79 14.05 5.25 -5.04
CA PRO D 79 15.42 5.24 -5.58
C PRO D 79 15.41 5.41 -7.10
N PHE D 80 16.26 6.29 -7.61
CA PHE D 80 16.26 6.59 -9.07
C PHE D 80 16.72 5.35 -9.86
N GLU D 81 15.93 4.93 -10.83
CA GLU D 81 16.23 3.81 -11.75
C GLU D 81 17.36 4.25 -12.70
N ASP D 82 18.54 3.66 -12.60
CA ASP D 82 19.76 3.99 -13.44
C ASP D 82 19.58 3.50 -14.89
N ALA D 83 18.56 3.94 -15.61
CA ALA D 83 18.13 3.32 -16.90
C ALA D 83 16.95 4.12 -17.48
N HIS D 87 26.12 7.07 -18.16
CA HIS D 87 27.52 7.57 -18.26
C HIS D 87 27.77 8.36 -19.57
N GLY D 88 28.76 9.26 -19.54
CA GLY D 88 29.36 9.93 -20.72
C GLY D 88 28.55 11.10 -21.31
N GLU D 89 27.20 11.12 -21.23
CA GLU D 89 26.30 11.86 -22.16
C GLU D 89 25.94 13.24 -21.57
N SER D 90 25.69 14.25 -22.42
CA SER D 90 25.21 15.60 -22.00
C SER D 90 23.81 15.53 -21.35
N GLY D 91 22.94 14.64 -21.84
CA GLY D 91 21.49 14.62 -21.61
C GLY D 91 20.74 15.61 -22.47
N MET D 92 21.37 16.32 -23.43
CA MET D 92 20.68 17.20 -24.39
C MET D 92 21.46 17.23 -25.71
N PRO D 93 21.59 16.07 -26.41
CA PRO D 93 22.49 16.00 -27.59
C PRO D 93 21.82 16.55 -28.85
N GLY D 94 22.67 16.82 -29.87
CA GLY D 94 22.29 17.17 -31.25
C GLY D 94 22.65 18.57 -31.67
N TYR D 95 23.23 19.40 -30.80
CA TYR D 95 23.72 20.75 -31.15
C TYR D 95 24.91 21.13 -30.26
N ASP D 96 25.92 21.78 -30.86
CA ASP D 96 27.10 22.32 -30.14
C ASP D 96 26.74 23.74 -29.71
N PHE D 97 26.54 23.96 -28.41
CA PHE D 97 26.27 25.29 -27.81
C PHE D 97 27.59 26.01 -27.49
N GLY D 98 28.74 25.33 -27.50
CA GLY D 98 30.06 25.85 -27.12
C GLY D 98 30.25 25.93 -25.60
N ASP D 99 31.46 26.30 -25.16
CA ASP D 99 31.74 26.94 -23.84
C ASP D 99 31.01 28.29 -23.74
N ASP D 100 30.99 28.91 -22.54
CA ASP D 100 30.70 30.37 -22.28
C ASP D 100 29.22 30.63 -21.97
N TYR D 101 28.54 29.68 -21.35
CA TYR D 101 27.08 29.76 -21.06
C TYR D 101 26.75 30.29 -19.65
N GLY D 102 27.73 30.68 -18.84
CA GLY D 102 27.51 31.30 -17.53
C GLY D 102 27.32 30.25 -16.45
N LYS D 103 26.88 30.68 -15.27
CA LYS D 103 27.02 29.93 -13.99
C LYS D 103 25.65 29.89 -13.31
N PRO D 104 25.29 28.84 -12.54
CA PRO D 104 24.09 28.92 -11.71
C PRO D 104 24.26 29.89 -10.53
N LEU D 105 23.14 30.30 -9.95
CA LEU D 105 23.13 30.97 -8.62
C LEU D 105 23.85 30.09 -7.59
N ASP D 106 24.39 30.73 -6.54
CA ASP D 106 24.99 30.11 -5.34
C ASP D 106 23.89 29.91 -4.27
N LYS D 107 22.70 29.46 -4.67
CA LYS D 107 21.68 28.90 -3.75
C LYS D 107 20.96 27.73 -4.44
N THR D 108 20.28 26.93 -3.63
CA THR D 108 19.46 25.81 -4.15
C THR D 108 18.27 26.35 -4.95
N ALA D 109 17.74 25.51 -5.81
CA ALA D 109 16.46 25.75 -6.50
C ALA D 109 15.37 26.15 -5.49
N VAL D 110 15.25 25.44 -4.37
CA VAL D 110 14.21 25.75 -3.36
C VAL D 110 14.35 27.22 -2.91
N GLU D 111 15.55 27.61 -2.54
CA GLU D 111 15.82 28.99 -2.01
C GLU D 111 15.56 30.02 -3.12
N ALA D 112 16.01 29.75 -4.34
CA ALA D 112 15.76 30.65 -5.49
C ALA D 112 14.27 30.75 -5.81
N LEU D 113 13.55 29.63 -5.74
CA LEU D 113 12.08 29.64 -5.99
C LEU D 113 11.38 30.48 -4.94
N HIS D 114 11.71 30.26 -3.67
CA HIS D 114 11.11 31.01 -2.53
C HIS D 114 11.30 32.52 -2.76
N ASP D 115 12.53 32.95 -3.07
CA ASP D 115 12.82 34.41 -3.22
C ASP D 115 12.10 34.97 -4.45
N ALA D 116 12.11 34.27 -5.59
CA ALA D 116 11.51 34.75 -6.86
C ALA D 116 9.99 34.80 -6.76
N ILE D 117 9.35 33.84 -6.07
CA ILE D 117 7.87 33.83 -5.95
C ILE D 117 7.44 34.94 -4.98
N MET D 118 8.07 35.05 -3.82
CA MET D 118 7.70 36.08 -2.79
C MET D 118 7.93 37.51 -3.33
N ALA D 119 8.80 37.73 -4.29
CA ALA D 119 9.01 39.06 -4.94
C ALA D 119 7.84 39.44 -5.87
N GLU D 120 6.91 38.55 -6.25
CA GLU D 120 5.83 38.82 -7.24
C GLU D 120 4.49 38.69 -6.51
N ASP D 121 3.54 39.55 -6.87
CA ASP D 121 2.11 39.44 -6.51
C ASP D 121 1.58 38.08 -6.99
N GLU D 122 1.87 37.74 -8.24
CA GLU D 122 1.29 36.58 -8.94
C GLU D 122 2.32 36.00 -9.91
N VAL D 123 2.51 34.68 -9.91
CA VAL D 123 3.38 33.95 -10.85
C VAL D 123 2.67 32.66 -11.29
N ILE D 124 3.05 32.16 -12.46
CA ILE D 124 2.67 30.78 -12.91
C ILE D 124 3.94 29.92 -12.79
N LEU D 125 3.81 28.74 -12.18
CA LEU D 125 4.92 27.80 -12.01
C LEU D 125 4.77 26.71 -13.04
N VAL D 126 5.84 26.35 -13.71
CA VAL D 126 5.82 25.45 -14.90
C VAL D 126 6.87 24.36 -14.69
N PRO D 127 6.51 23.25 -13.98
CA PRO D 127 7.41 22.11 -13.78
C PRO D 127 7.34 21.14 -14.97
N THR D 128 8.51 20.90 -15.61
CA THR D 128 8.67 19.99 -16.77
C THR D 128 9.60 18.82 -16.46
N GLY D 129 10.08 18.67 -15.23
CA GLY D 129 10.81 17.49 -14.74
C GLY D 129 9.94 16.72 -13.79
N SER D 130 10.57 15.86 -13.00
CA SER D 130 9.97 15.39 -11.72
C SER D 130 9.81 16.59 -10.78
N TYR D 131 8.92 16.47 -9.79
CA TYR D 131 8.40 17.61 -9.02
C TYR D 131 9.11 17.82 -7.70
N THR D 132 10.29 17.21 -7.47
CA THR D 132 11.02 17.23 -6.18
C THR D 132 11.16 18.66 -5.63
N ASN D 133 11.66 19.61 -6.43
CA ASN D 133 11.91 20.99 -5.93
C ASN D 133 10.60 21.67 -5.51
N ILE D 134 9.51 21.43 -6.23
CA ILE D 134 8.18 22.02 -5.89
C ILE D 134 7.68 21.46 -4.56
N ALA D 135 7.78 20.12 -4.36
CA ALA D 135 7.36 19.47 -3.07
C ALA D 135 8.18 20.03 -1.91
N LEU D 136 9.51 20.14 -2.07
CA LEU D 136 10.39 20.71 -1.00
C LEU D 136 10.00 22.17 -0.72
N LEU D 137 9.79 22.95 -1.76
CA LEU D 137 9.39 24.38 -1.65
C LEU D 137 8.10 24.52 -0.83
N PHE D 138 7.06 23.77 -1.20
CA PHE D 138 5.75 23.87 -0.54
C PHE D 138 5.80 23.39 0.92
N SER D 139 6.70 22.46 1.25
CA SER D 139 6.87 21.93 2.63
C SER D 139 7.60 22.96 3.48
N GLU D 140 8.73 23.49 2.98
CA GLU D 140 9.58 24.44 3.76
C GLU D 140 8.95 25.84 3.78
N TYR D 141 8.28 26.27 2.69
CA TYR D 141 7.74 27.64 2.53
C TYR D 141 6.31 27.59 2.01
N PRO D 142 5.33 27.09 2.80
CA PRO D 142 3.94 27.11 2.34
C PRO D 142 3.37 28.51 2.06
N GLU D 143 3.96 29.57 2.61
CA GLU D 143 3.62 30.99 2.30
C GLU D 143 3.75 31.33 0.81
N VAL D 144 4.48 30.54 -0.01
CA VAL D 144 4.58 30.83 -1.48
C VAL D 144 3.23 30.60 -2.17
N LYS D 145 2.34 29.76 -1.62
CA LYS D 145 1.19 29.23 -2.40
C LYS D 145 0.22 30.34 -2.82
N SER D 146 0.01 31.35 -1.95
CA SER D 146 -0.92 32.49 -2.25
C SER D 146 -0.35 33.35 -3.40
N HIS D 147 0.95 33.27 -3.71
CA HIS D 147 1.62 34.02 -4.80
C HIS D 147 1.49 33.28 -6.14
N ILE D 148 0.96 32.05 -6.20
CA ILE D 148 0.98 31.20 -7.41
C ILE D 148 -0.45 31.14 -7.93
N LYS D 149 -0.70 31.69 -9.12
CA LYS D 149 -2.02 31.67 -9.78
C LYS D 149 -2.33 30.23 -10.19
N GLN D 150 -1.37 29.55 -10.80
CA GLN D 150 -1.54 28.14 -11.18
C GLN D 150 -0.20 27.48 -11.46
N ILE D 151 -0.24 26.17 -11.51
CA ILE D 151 0.87 25.30 -11.91
C ILE D 151 0.45 24.68 -13.25
N VAL D 152 1.28 24.80 -14.29
CA VAL D 152 1.05 24.14 -15.59
C VAL D 152 2.17 23.12 -15.71
N ALA D 153 1.84 21.84 -15.45
CA ALA D 153 2.80 20.74 -15.19
C ALA D 153 2.83 19.79 -16.38
N MET D 154 4.03 19.49 -16.88
CA MET D 154 4.23 18.36 -17.82
CA MET D 154 4.19 18.36 -17.82
C MET D 154 4.29 17.09 -16.96
N GLY D 155 3.39 16.15 -17.22
CA GLY D 155 3.46 14.83 -16.58
C GLY D 155 2.11 14.23 -16.38
N GLY D 156 2.15 12.93 -16.06
CA GLY D 156 0.95 12.14 -15.87
C GLY D 156 0.41 11.53 -17.16
N SER D 157 -0.59 10.71 -16.99
CA SER D 157 -1.37 10.11 -18.08
C SER D 157 -2.66 9.54 -17.52
N PHE D 158 -3.75 9.75 -18.22
CA PHE D 158 -5.07 9.10 -17.96
C PHE D 158 -5.39 8.06 -19.03
N SER D 159 -4.43 7.70 -19.88
CA SER D 159 -4.68 6.75 -20.99
C SER D 159 -3.44 5.94 -21.33
N GLY D 160 -2.64 5.57 -20.33
CA GLY D 160 -1.49 4.70 -20.61
C GLY D 160 -0.18 5.44 -20.42
N GLY D 161 0.76 4.77 -19.79
CA GLY D 161 2.02 5.37 -19.35
C GLY D 161 3.12 5.13 -20.36
N ASN D 162 4.33 5.50 -19.95
CA ASN D 162 5.57 5.22 -20.71
C ASN D 162 6.60 4.49 -19.85
N MET D 163 6.63 4.59 -18.52
CA MET D 163 7.55 3.75 -17.69
C MET D 163 6.96 2.38 -17.40
N THR D 164 5.65 2.32 -17.18
CA THR D 164 4.78 1.13 -17.15
C THR D 164 3.52 1.52 -17.93
N SER D 165 2.57 0.61 -18.10
CA SER D 165 1.22 0.94 -18.60
C SER D 165 0.51 1.97 -17.72
N ALA D 166 0.81 2.03 -16.44
CA ALA D 166 0.08 2.87 -15.44
C ALA D 166 0.71 4.26 -15.28
N ALA D 167 1.99 4.50 -15.62
CA ALA D 167 2.75 5.66 -15.09
C ALA D 167 3.63 6.33 -16.16
N GLU D 168 3.61 7.67 -16.12
CA GLU D 168 4.43 8.57 -16.95
C GLU D 168 5.71 8.89 -16.15
N PHE D 169 6.81 9.15 -16.87
CA PHE D 169 8.17 9.41 -16.34
C PHE D 169 8.24 10.46 -15.21
N ASN D 170 7.80 11.69 -15.43
CA ASN D 170 7.97 12.79 -14.44
C ASN D 170 7.32 12.46 -13.08
N VAL D 171 6.16 11.85 -13.13
CA VAL D 171 5.44 11.45 -11.89
C VAL D 171 6.12 10.18 -11.33
N PHE D 172 6.37 9.19 -12.18
CA PHE D 172 7.03 7.91 -11.80
C PHE D 172 8.36 8.17 -11.09
N THR D 173 9.13 9.17 -11.57
CA THR D 173 10.48 9.49 -11.03
C THR D 173 10.38 9.93 -9.55
N ASP D 174 9.35 10.68 -9.16
CA ASP D 174 9.17 11.14 -7.76
C ASP D 174 7.67 11.18 -7.47
N PRO D 175 7.06 10.02 -7.19
CA PRO D 175 5.61 9.97 -6.94
C PRO D 175 5.22 10.75 -5.67
N ASP D 176 6.05 10.67 -4.63
CA ASP D 176 5.82 11.36 -3.33
C ASP D 176 5.80 12.88 -3.54
N ALA D 177 6.74 13.40 -4.32
CA ALA D 177 6.78 14.85 -4.66
C ALA D 177 5.54 15.24 -5.44
N ALA D 178 5.13 14.43 -6.43
CA ALA D 178 3.89 14.65 -7.20
C ALA D 178 2.70 14.68 -6.23
N LYS D 179 2.65 13.78 -5.24
CA LYS D 179 1.50 13.76 -4.30
C LYS D 179 1.42 15.08 -3.51
N ILE D 180 2.57 15.53 -3.01
CA ILE D 180 2.67 16.79 -2.24
C ILE D 180 2.14 17.94 -3.13
N MET D 181 2.58 17.99 -4.38
CA MET D 181 2.19 19.08 -5.32
C MET D 181 0.69 19.01 -5.59
N TYR D 182 0.17 17.82 -5.90
CA TYR D 182 -1.27 17.62 -6.21
C TYR D 182 -2.18 17.86 -4.99
N ASN D 183 -1.69 17.73 -3.75
CA ASN D 183 -2.48 18.00 -2.53
C ASN D 183 -2.25 19.43 -1.99
N ALA D 184 -1.49 20.30 -2.66
CA ALA D 184 -1.04 21.58 -2.07
C ALA D 184 -2.12 22.68 -2.11
N GLY D 185 -3.20 22.52 -2.89
CA GLY D 185 -4.30 23.50 -3.00
C GLY D 185 -3.99 24.59 -4.00
N VAL D 186 -2.88 24.55 -4.75
CA VAL D 186 -2.64 25.50 -5.86
C VAL D 186 -3.29 24.88 -7.09
N PRO D 187 -4.08 25.66 -7.89
CA PRO D 187 -4.66 25.14 -9.12
C PRO D 187 -3.60 24.58 -10.07
N ILE D 188 -3.87 23.39 -10.62
CA ILE D 188 -2.98 22.66 -11.54
C ILE D 188 -3.66 22.54 -12.89
N VAL D 189 -2.88 22.69 -13.95
CA VAL D 189 -3.21 22.22 -15.31
C VAL D 189 -2.29 21.04 -15.59
N THR D 190 -2.88 19.87 -15.85
CA THR D 190 -2.14 18.61 -16.11
C THR D 190 -1.95 18.48 -17.62
N VAL D 191 -0.71 18.61 -18.09
CA VAL D 191 -0.28 18.38 -19.49
C VAL D 191 0.37 17.00 -19.52
N GLY D 192 -0.44 15.96 -19.67
CA GLY D 192 -0.01 14.56 -19.66
C GLY D 192 0.10 13.96 -21.03
N LEU D 193 0.40 12.66 -21.05
CA LEU D 193 0.61 11.89 -22.29
C LEU D 193 -0.65 11.89 -23.16
N ASP D 194 -1.83 12.05 -22.58
CA ASP D 194 -3.14 12.12 -23.28
C ASP D 194 -3.05 13.15 -24.42
N VAL D 195 -2.38 14.29 -24.21
CA VAL D 195 -2.19 15.34 -25.25
C VAL D 195 -0.79 15.29 -25.83
N THR D 196 0.27 15.06 -25.04
CA THR D 196 1.65 15.20 -25.60
C THR D 196 1.93 14.14 -26.66
N LEU D 197 1.40 12.94 -26.53
CA LEU D 197 1.52 11.89 -27.58
C LEU D 197 0.71 12.25 -28.85
N LYS D 198 -0.28 13.14 -28.78
CA LYS D 198 -1.00 13.70 -29.96
C LYS D 198 -0.29 14.93 -30.52
N ALA D 199 0.65 15.58 -29.79
CA ALA D 199 1.31 16.85 -30.19
C ALA D 199 2.47 16.48 -31.13
N LEU D 200 2.13 15.94 -32.30
CA LEU D 200 3.09 15.33 -33.26
C LEU D 200 3.58 16.46 -34.16
N LEU D 201 4.84 16.82 -33.98
CA LEU D 201 5.56 17.76 -34.87
C LEU D 201 5.87 16.95 -36.14
N THR D 202 5.25 17.28 -37.27
CA THR D 202 5.27 16.48 -38.53
C THR D 202 6.66 16.55 -39.15
N ALA D 203 7.02 15.54 -39.96
CA ALA D 203 8.21 15.52 -40.84
C ALA D 203 8.34 16.84 -41.62
N ASP D 204 7.24 17.35 -42.20
CA ASP D 204 7.20 18.63 -42.97
C ASP D 204 7.59 19.78 -42.04
N THR D 205 7.02 19.86 -40.82
CA THR D 205 7.39 20.89 -39.83
C THR D 205 8.88 20.80 -39.49
N ILE D 206 9.38 19.61 -39.18
CA ILE D 206 10.78 19.43 -38.75
C ILE D 206 11.72 19.84 -39.89
N GLU D 207 11.42 19.48 -41.13
CA GLU D 207 12.20 19.91 -42.34
C GLU D 207 12.24 21.45 -42.42
N LYS D 208 11.07 22.12 -42.37
CA LYS D 208 10.97 23.61 -42.42
C LYS D 208 11.77 24.25 -41.28
N LEU D 209 11.72 23.66 -40.07
CA LEU D 209 12.42 24.14 -38.85
C LEU D 209 13.92 24.27 -39.12
N GLY D 210 14.56 23.20 -39.63
CA GLY D 210 16.01 23.13 -39.88
C GLY D 210 16.57 24.22 -40.80
N SER D 211 15.77 24.79 -41.71
CA SER D 211 16.15 25.81 -42.72
C SER D 211 15.65 27.22 -42.34
N LEU D 212 15.01 27.40 -41.17
CA LEU D 212 14.21 28.62 -40.86
C LEU D 212 15.15 29.74 -40.43
N ASN D 213 16.11 29.46 -39.54
CA ASN D 213 17.02 30.44 -38.88
C ASN D 213 17.96 29.69 -37.94
N LYS D 214 18.73 30.37 -37.08
CA LYS D 214 19.70 29.68 -36.16
C LYS D 214 18.91 28.88 -35.10
N THR D 215 17.80 29.41 -34.60
CA THR D 215 16.97 28.73 -33.57
C THR D 215 16.36 27.45 -34.16
N GLY D 216 15.81 27.56 -35.37
CA GLY D 216 15.30 26.42 -36.14
C GLY D 216 16.34 25.33 -36.34
N GLU D 217 17.55 25.71 -36.73
CA GLU D 217 18.72 24.81 -36.88
C GLU D 217 19.01 24.14 -35.53
N MET D 218 19.04 24.90 -34.43
CA MET D 218 19.33 24.35 -33.07
CA MET D 218 19.35 24.34 -33.08
C MET D 218 18.25 23.33 -32.69
N LEU D 219 16.98 23.70 -32.84
CA LEU D 219 15.83 22.82 -32.44
C LEU D 219 15.81 21.58 -33.32
N HIS D 220 16.02 21.76 -34.64
CA HIS D 220 16.15 20.64 -35.60
C HIS D 220 17.22 19.64 -35.14
N GLY D 221 18.41 20.14 -34.75
CA GLY D 221 19.53 19.29 -34.31
C GLY D 221 19.13 18.45 -33.09
N LEU D 222 18.50 19.05 -32.08
CA LEU D 222 18.02 18.34 -30.85
C LEU D 222 16.93 17.32 -31.20
N ILE D 223 15.93 17.76 -31.97
CA ILE D 223 14.69 16.97 -32.30
C ILE D 223 15.05 15.74 -33.13
N THR D 224 15.97 15.84 -34.08
CA THR D 224 16.35 14.74 -35.04
C THR D 224 17.54 13.95 -34.54
N HIS D 225 18.13 14.22 -33.36
CA HIS D 225 19.34 13.48 -32.89
C HIS D 225 19.08 11.96 -32.84
N TYR D 226 17.92 11.51 -32.33
CA TYR D 226 17.52 10.07 -32.23
C TYR D 226 16.66 9.65 -33.43
N GLN D 232 9.20 9.18 -38.51
CA GLN D 232 8.82 10.41 -39.27
C GLN D 232 7.77 11.20 -38.48
N GLY D 233 8.19 12.35 -37.96
CA GLY D 233 7.48 13.15 -36.95
C GLY D 233 7.97 12.85 -35.52
N ARG D 234 7.78 13.77 -34.57
CA ARG D 234 8.19 13.58 -33.15
C ARG D 234 7.09 14.15 -32.24
N PRO D 235 6.53 13.34 -31.30
CA PRO D 235 5.69 13.84 -30.23
C PRO D 235 6.50 14.81 -29.35
N MET D 236 5.97 15.99 -29.07
CA MET D 236 6.61 17.02 -28.21
C MET D 236 5.88 17.07 -26.86
N HIS D 237 6.65 17.10 -25.78
CA HIS D 237 6.10 16.93 -24.41
C HIS D 237 6.04 18.31 -23.78
N ASP D 238 7.11 18.70 -23.11
CA ASP D 238 7.21 19.83 -22.16
C ASP D 238 6.79 21.15 -22.79
N VAL D 239 7.05 21.35 -24.10
CA VAL D 239 6.67 22.61 -24.81
C VAL D 239 5.16 22.89 -24.71
N ASN D 240 4.34 21.84 -24.56
CA ASN D 240 2.85 22.00 -24.44
C ASN D 240 2.44 22.75 -23.17
N THR D 241 3.28 22.84 -22.13
CA THR D 241 2.97 23.73 -20.97
C THR D 241 2.92 25.18 -21.46
N ILE D 242 3.87 25.57 -22.31
CA ILE D 242 3.95 26.96 -22.84
C ILE D 242 2.86 27.17 -23.87
N PHE D 243 2.61 26.18 -24.73
CA PHE D 243 1.50 26.25 -25.72
C PHE D 243 0.17 26.40 -24.99
N TYR D 244 -0.03 25.71 -23.86
CA TYR D 244 -1.22 25.88 -23.01
C TYR D 244 -1.33 27.32 -22.48
N LEU D 245 -0.28 27.87 -21.92
CA LEU D 245 -0.30 29.27 -21.39
C LEU D 245 -0.71 30.28 -22.50
N LEU D 246 -0.25 30.08 -23.72
CA LEU D 246 -0.42 31.07 -24.84
C LEU D 246 -1.70 30.79 -25.62
N HIS D 247 -2.13 29.53 -25.75
CA HIS D 247 -3.26 29.10 -26.59
C HIS D 247 -4.07 28.03 -25.84
N PRO D 248 -4.71 28.37 -24.70
CA PRO D 248 -5.56 27.40 -24.00
C PRO D 248 -6.73 26.88 -24.85
N GLU D 249 -7.21 27.70 -25.81
CA GLU D 249 -8.27 27.33 -26.78
C GLU D 249 -7.83 26.18 -27.72
N ALA D 250 -6.52 25.92 -27.89
CA ALA D 250 -6.04 24.75 -28.67
C ALA D 250 -6.20 23.41 -27.90
N PHE D 251 -6.65 23.43 -26.63
CA PHE D 251 -6.77 22.21 -25.78
C PHE D 251 -8.22 21.94 -25.43
N THR D 252 -8.56 20.65 -25.31
CA THR D 252 -9.80 20.21 -24.61
C THR D 252 -9.40 19.81 -23.19
N THR D 253 -10.06 20.38 -22.19
CA THR D 253 -9.74 20.14 -20.77
C THR D 253 -10.97 19.60 -20.03
N LYS D 254 -10.70 18.99 -18.89
CA LYS D 254 -11.76 18.51 -17.97
C LYS D 254 -11.23 18.70 -16.56
N ASP D 255 -11.97 19.41 -15.71
CA ASP D 255 -11.62 19.54 -14.27
C ASP D 255 -11.90 18.17 -13.63
N MET D 256 -10.93 17.64 -12.91
CA MET D 256 -11.17 16.39 -12.17
C MET D 256 -10.27 16.28 -10.94
N TRP D 257 -10.66 15.35 -10.08
CA TRP D 257 -9.83 14.96 -8.91
C TRP D 257 -8.73 14.03 -9.45
N VAL D 258 -7.46 14.35 -9.12
CA VAL D 258 -6.30 13.50 -9.44
C VAL D 258 -5.62 13.10 -8.14
N ASP D 259 -5.43 11.78 -7.96
CA ASP D 259 -4.60 11.17 -6.89
C ASP D 259 -3.31 10.64 -7.51
N ILE D 260 -2.24 10.64 -6.73
CA ILE D 260 -0.94 10.03 -7.12
C ILE D 260 -0.79 8.69 -6.39
N GLN D 261 -0.56 7.61 -7.15
CA GLN D 261 -0.19 6.31 -6.59
C GLN D 261 1.31 6.35 -6.24
N THR D 262 1.68 6.08 -5.02
CA THR D 262 3.09 6.24 -4.56
C THR D 262 3.72 4.92 -4.16
N ASP D 263 3.04 3.79 -4.31
CA ASP D 263 3.63 2.45 -4.07
C ASP D 263 2.91 1.39 -4.90
N GLY D 264 3.35 0.14 -4.75
CA GLY D 264 2.80 -0.98 -5.50
C GLY D 264 3.19 -0.96 -6.98
N PRO D 265 2.68 -1.91 -7.76
CA PRO D 265 3.03 -1.99 -9.19
C PRO D 265 2.61 -0.75 -10.02
N ALA D 266 1.54 -0.07 -9.61
CA ALA D 266 0.99 1.14 -10.24
C ALA D 266 1.67 2.41 -9.72
N ILE D 267 2.78 2.30 -8.98
CA ILE D 267 3.62 3.45 -8.56
C ILE D 267 3.81 4.46 -9.72
N GLY D 268 3.54 5.74 -9.44
CA GLY D 268 3.65 6.83 -10.42
C GLY D 268 2.39 7.10 -11.20
N ALA D 269 1.32 6.34 -11.02
CA ALA D 269 0.04 6.58 -11.74
C ALA D 269 -0.58 7.92 -11.26
N THR D 270 -1.03 8.71 -12.20
CA THR D 270 -1.98 9.82 -11.96
C THR D 270 -3.36 9.22 -12.14
N VAL D 271 -4.09 9.06 -11.04
CA VAL D 271 -5.43 8.43 -11.07
C VAL D 271 -6.47 9.53 -11.10
N GLY D 272 -7.13 9.68 -12.27
CA GLY D 272 -8.21 10.64 -12.45
C GLY D 272 -9.52 9.99 -12.00
N ASP D 273 -10.30 10.70 -11.21
CA ASP D 273 -11.70 10.28 -10.87
C ASP D 273 -12.59 10.70 -12.06
N ILE D 274 -12.51 9.94 -13.16
CA ILE D 274 -13.16 10.26 -14.47
C ILE D 274 -14.68 10.29 -14.37
N ARG D 275 -15.28 9.53 -13.44
CA ARG D 275 -16.74 9.55 -13.17
C ARG D 275 -17.12 10.60 -12.13
N ALA D 276 -16.20 11.32 -11.48
CA ALA D 276 -16.45 12.14 -10.25
C ALA D 276 -17.26 11.36 -9.23
N ALA D 277 -16.90 10.10 -8.96
CA ALA D 277 -17.63 9.18 -8.05
C ALA D 277 -17.13 9.24 -6.61
N TYR D 278 -15.91 9.66 -6.35
CA TYR D 278 -15.19 9.34 -5.08
C TYR D 278 -14.81 10.56 -4.28
N HIS D 279 -14.93 11.80 -4.76
CA HIS D 279 -14.38 13.01 -4.11
C HIS D 279 -15.45 14.09 -3.88
N ASP D 280 -16.74 13.73 -3.79
CA ASP D 280 -17.85 14.69 -3.48
C ASP D 280 -17.87 15.86 -4.46
N GLY D 281 -17.52 15.63 -5.74
CA GLY D 281 -17.48 16.65 -6.80
C GLY D 281 -16.28 17.58 -6.75
N LYS D 282 -15.35 17.44 -5.80
CA LYS D 282 -14.13 18.29 -5.70
C LYS D 282 -13.14 17.92 -6.83
N THR D 283 -12.41 18.90 -7.29
CA THR D 283 -11.36 18.76 -8.33
C THR D 283 -10.14 19.50 -7.83
N ASN D 284 -8.96 19.04 -8.26
CA ASN D 284 -7.65 19.71 -7.97
C ASN D 284 -6.83 19.93 -9.25
N ALA D 285 -7.36 19.58 -10.43
CA ALA D 285 -6.59 19.69 -11.70
C ALA D 285 -7.52 19.89 -12.87
N LYS D 286 -7.04 20.67 -13.81
CA LYS D 286 -7.65 20.84 -15.14
C LYS D 286 -6.81 19.96 -16.06
N VAL D 287 -7.37 18.81 -16.44
CA VAL D 287 -6.63 17.78 -17.19
C VAL D 287 -6.76 18.07 -18.67
N CYS D 288 -5.62 18.07 -19.39
CA CYS D 288 -5.60 18.21 -20.86
C CYS D 288 -5.91 16.84 -21.47
N LEU D 289 -6.99 16.72 -22.23
CA LEU D 289 -7.45 15.45 -22.87
C LEU D 289 -7.26 15.47 -24.39
N ASP D 290 -7.23 16.63 -25.04
CA ASP D 290 -7.01 16.66 -26.51
C ASP D 290 -6.38 17.98 -26.88
N ILE D 291 -5.81 17.98 -28.09
CA ILE D 291 -5.01 19.10 -28.62
C ILE D 291 -5.31 19.24 -30.12
N ASP D 292 -5.34 20.47 -30.61
CA ASP D 292 -5.35 20.76 -32.07
C ASP D 292 -3.91 20.64 -32.57
N ALA D 293 -3.54 19.47 -33.08
CA ALA D 293 -2.15 19.16 -33.52
C ALA D 293 -1.75 20.03 -34.73
N GLU D 294 -2.70 20.30 -35.65
CA GLU D 294 -2.50 21.17 -36.84
C GLU D 294 -2.07 22.57 -36.36
N TYR D 295 -2.82 23.17 -35.43
CA TYR D 295 -2.50 24.53 -34.91
C TYR D 295 -1.17 24.50 -34.11
N PHE D 296 -0.90 23.44 -33.34
CA PHE D 296 0.40 23.26 -32.64
C PHE D 296 1.58 23.38 -33.64
N ASN D 297 1.49 22.70 -34.77
CA ASN D 297 2.53 22.71 -35.85
C ASN D 297 2.70 24.13 -36.44
N LYS D 298 1.60 24.77 -36.83
CA LYS D 298 1.55 26.16 -37.38
C LYS D 298 2.14 27.14 -36.36
N TRP D 299 1.68 27.07 -35.11
CA TRP D 299 2.17 27.89 -33.96
C TRP D 299 3.68 27.73 -33.77
N PHE D 300 4.16 26.49 -33.72
CA PHE D 300 5.57 26.15 -33.46
C PHE D 300 6.45 26.86 -34.52
N LEU D 301 6.07 26.76 -35.81
CA LEU D 301 6.82 27.41 -36.93
C LEU D 301 6.73 28.93 -36.86
N GLU D 302 5.54 29.50 -36.64
CA GLU D 302 5.28 30.98 -36.52
C GLU D 302 6.17 31.56 -35.43
N GLU D 303 6.17 30.96 -34.24
CA GLU D 303 6.99 31.40 -33.07
C GLU D 303 8.50 31.35 -33.40
N VAL D 304 9.00 30.25 -33.93
CA VAL D 304 10.45 30.06 -34.21
C VAL D 304 10.87 31.05 -35.35
N SER D 305 9.98 31.35 -36.29
CA SER D 305 10.28 32.30 -37.42
C SER D 305 10.58 33.71 -36.90
N LYS D 306 10.02 34.12 -35.76
CA LYS D 306 10.27 35.43 -35.10
C LYS D 306 11.57 35.45 -34.28
N MET D 307 12.32 34.35 -34.13
CA MET D 307 13.51 34.24 -33.26
C MET D 307 14.79 34.39 -34.10
N LYS D 308 15.96 34.39 -33.45
CA LYS D 308 17.29 34.45 -34.10
C LYS D 308 17.51 33.22 -34.99
#